data_6MD9
#
_entry.id   6MD9
#
_cell.length_a   46.340
_cell.length_b   213.960
_cell.length_c   55.830
_cell.angle_alpha   90.000
_cell.angle_beta   96.690
_cell.angle_gamma   90.000
#
_symmetry.space_group_name_H-M   'P 1 21 1'
#
loop_
_entity.id
_entity.type
_entity.pdbx_description
1 polymer 'Tyrosine-protein phosphatase non-receptor type 11'
2 non-polymer 3-(2-chlorophenyl)-6-{4-[(dimethylamino)methyl]phenyl}-5-methyl[1,2]oxazolo[4,5-c]pyridin-4(5H)-one
3 non-polymer 'PHOSPHATE ION'
4 water water
#
_entity_poly.entity_id   1
_entity_poly.type   'polypeptide(L)'
_entity_poly.pdbx_seq_one_letter_code
;SMTSRRWFHPNITGVEAENLLLTRGVDGSFLARPSKSNPGDFTLSVRRNGAVTHIKIQNTGDYYDLYGGEKFATLAELVQ
YYMEHHGQLKEKNGDVIELKYPLNCADPTSERWFHGHLSGKEAEKLLTEKGKHGSFLVRESQSHPGDFVLSVRTGDDKGE
SNDGKSKVTHVMIRCQELKYDVGGGERFDSLTDLVEHYKKNPMVETLGTVLQLKQPLNTTRINAAEIESRVRELSKLAET
TDKVKQGFWEEFETLQQQECKLLYSRKEGQRQENKNKNRYKNILPFDHTRVVLHDGDPNEPVSDYINANIIMPEFETKCN
NSKPKKSYIATQGCLQNTVNDFWRMVFQENSRVIVMTTKEVERGKSKCVKYWPDEYALKEYGVMRVRNVKESAAHDYTLR
ELKLSKVGQGNTERTVWQYHFRTWPDHGVPSDPGGVLDFLEEVHHKQESIMDAGPVVVHCSAGIGRTGTFIVIDILIDII
REKGVDCDIDVPKTIQMVRSQRSGMVQTEAQYRFIYMAVQHYIETL
;
_entity_poly.pdbx_strand_id   A,B
#
loop_
_chem_comp.id
_chem_comp.type
_chem_comp.name
_chem_comp.formula
JEJ non-polymer 3-(2-chlorophenyl)-6-{4-[(dimethylamino)methyl]phenyl}-5-methyl[1,2]oxazolo[4,5-c]pyridin-4(5H)-one 'C22 H20 Cl N3 O2'
PO4 non-polymer 'PHOSPHATE ION' 'O4 P -3'
#
# COMPACT_ATOMS: atom_id res chain seq x y z
N ARG A 5 12.14 1.13 38.22
CA ARG A 5 11.64 0.06 37.34
C ARG A 5 11.69 -1.31 38.03
N ARG A 6 11.74 -1.31 39.38
CA ARG A 6 11.75 -2.50 40.23
C ARG A 6 10.43 -3.34 40.08
N TRP A 7 9.34 -2.76 39.51
CA TRP A 7 8.07 -3.49 39.28
C TRP A 7 8.21 -4.56 38.16
N PHE A 8 9.34 -4.56 37.40
CA PHE A 8 9.57 -5.55 36.35
C PHE A 8 10.40 -6.75 36.90
N HIS A 9 9.78 -7.94 36.87
CA HIS A 9 10.37 -9.19 37.34
C HIS A 9 10.76 -10.01 36.07
N PRO A 10 12.07 -10.17 35.72
CA PRO A 10 12.41 -10.81 34.43
C PRO A 10 12.30 -12.34 34.33
N ASN A 11 12.26 -13.07 35.45
CA ASN A 11 12.26 -14.54 35.37
C ASN A 11 11.10 -15.25 36.09
N ILE A 12 9.93 -14.60 36.25
CA ILE A 12 8.83 -15.23 36.99
C ILE A 12 7.67 -15.70 36.12
N THR A 13 7.03 -16.80 36.55
CA THR A 13 5.86 -17.39 35.90
C THR A 13 4.60 -16.65 36.42
N GLY A 14 3.48 -16.83 35.73
CA GLY A 14 2.19 -16.24 36.13
C GLY A 14 1.77 -16.63 37.52
N VAL A 15 1.96 -17.92 37.86
CA VAL A 15 1.68 -18.51 39.16
C VAL A 15 2.55 -17.87 40.26
N GLU A 16 3.83 -17.62 39.93
CA GLU A 16 4.78 -16.93 40.82
C GLU A 16 4.30 -15.50 41.07
N ALA A 17 3.85 -14.80 39.99
CA ALA A 17 3.30 -13.44 40.06
C ALA A 17 2.05 -13.36 40.94
N GLU A 18 1.17 -14.38 40.87
CA GLU A 18 -0.07 -14.48 41.64
C GLU A 18 0.22 -14.65 43.12
N ASN A 19 1.18 -15.54 43.45
CA ASN A 19 1.59 -15.79 44.83
C ASN A 19 2.26 -14.57 45.44
N LEU A 20 3.02 -13.80 44.60
CA LEU A 20 3.71 -12.57 44.97
C LEU A 20 2.67 -11.50 45.30
N LEU A 21 1.69 -11.32 44.42
CA LEU A 21 0.65 -10.32 44.60
C LEU A 21 -0.35 -10.67 45.71
N LEU A 22 -0.66 -11.95 45.89
CA LEU A 22 -1.62 -12.37 46.92
C LEU A 22 -1.02 -12.38 48.33
N THR A 23 0.21 -12.87 48.49
CA THR A 23 0.82 -12.93 49.82
C THR A 23 1.64 -11.69 50.21
N ARG A 24 2.24 -10.95 49.23
CA ARG A 24 3.11 -9.80 49.51
C ARG A 24 2.55 -8.42 49.07
N GLY A 25 1.45 -8.46 48.32
CA GLY A 25 0.79 -7.26 47.81
C GLY A 25 -0.56 -7.00 48.45
N VAL A 26 -1.24 -5.96 47.96
CA VAL A 26 -2.56 -5.48 48.41
C VAL A 26 -3.32 -5.10 47.14
N ASP A 27 -4.57 -4.65 47.25
CA ASP A 27 -5.36 -4.21 46.12
C ASP A 27 -4.80 -2.91 45.56
N GLY A 28 -4.43 -2.95 44.29
CA GLY A 28 -3.75 -1.87 43.60
C GLY A 28 -2.31 -2.26 43.32
N SER A 29 -1.82 -3.38 43.94
CA SER A 29 -0.45 -3.83 43.70
C SER A 29 -0.30 -4.38 42.28
N PHE A 30 0.81 -4.04 41.60
CA PHE A 30 1.02 -4.52 40.24
C PHE A 30 2.48 -4.85 39.99
N LEU A 31 2.71 -5.66 38.94
CA LEU A 31 4.02 -6.01 38.42
C LEU A 31 3.94 -6.27 36.90
N ALA A 32 5.05 -6.09 36.19
CA ALA A 32 5.10 -6.41 34.78
C ALA A 32 6.12 -7.52 34.62
N ARG A 33 5.88 -8.41 33.67
CA ARG A 33 6.76 -9.56 33.46
C ARG A 33 6.77 -10.01 31.99
N PRO A 34 7.88 -10.64 31.51
CA PRO A 34 7.86 -11.18 30.15
C PRO A 34 7.09 -12.50 30.11
N SER A 35 6.22 -12.69 29.12
CA SER A 35 5.42 -13.93 29.05
C SER A 35 6.00 -14.93 28.06
N ASN A 38 3.80 -16.64 25.28
CA ASN A 38 4.30 -16.31 23.95
C ASN A 38 5.54 -15.38 24.04
N PRO A 39 6.79 -15.93 24.06
CA PRO A 39 7.99 -15.07 24.15
C PRO A 39 8.00 -13.89 23.17
N GLY A 40 8.29 -12.70 23.69
CA GLY A 40 8.26 -11.44 22.95
C GLY A 40 7.13 -10.55 23.45
N ASP A 41 6.19 -11.15 24.21
CA ASP A 41 5.04 -10.49 24.82
C ASP A 41 5.28 -10.25 26.32
N PHE A 42 4.46 -9.39 26.91
CA PHE A 42 4.54 -9.02 28.32
C PHE A 42 3.18 -9.18 29.00
N THR A 43 3.18 -9.26 30.32
CA THR A 43 1.97 -9.38 31.11
C THR A 43 2.05 -8.40 32.27
N LEU A 44 0.99 -7.62 32.43
CA LEU A 44 0.80 -6.71 33.53
C LEU A 44 -0.10 -7.47 34.52
N SER A 45 0.49 -7.92 35.65
CA SER A 45 -0.25 -8.66 36.68
C SER A 45 -0.66 -7.68 37.76
N VAL A 46 -1.99 -7.47 37.92
CA VAL A 46 -2.59 -6.48 38.82
C VAL A 46 -3.48 -7.16 39.86
N ARG A 47 -3.41 -6.72 41.13
CA ARG A 47 -4.28 -7.19 42.21
C ARG A 47 -5.45 -6.22 42.36
N ARG A 48 -6.68 -6.78 42.32
CA ARG A 48 -7.95 -6.05 42.44
C ARG A 48 -8.97 -6.95 43.16
N ASN A 49 -9.45 -6.49 44.34
CA ASN A 49 -10.43 -7.15 45.22
C ASN A 49 -10.07 -8.61 45.56
N GLY A 50 -8.87 -8.81 46.09
CA GLY A 50 -8.35 -10.11 46.50
C GLY A 50 -8.10 -11.11 45.39
N ALA A 51 -8.20 -10.66 44.12
CA ALA A 51 -8.00 -11.48 42.93
C ALA A 51 -6.95 -10.84 42.01
N VAL A 52 -6.15 -11.69 41.33
CA VAL A 52 -5.08 -11.29 40.41
C VAL A 52 -5.55 -11.35 38.93
N THR A 53 -5.41 -10.23 38.20
CA THR A 53 -5.75 -10.08 36.79
C THR A 53 -4.47 -10.00 35.97
N HIS A 54 -4.42 -10.76 34.85
CA HIS A 54 -3.26 -10.78 33.94
C HIS A 54 -3.65 -10.06 32.64
N ILE A 55 -2.98 -8.92 32.35
CA ILE A 55 -3.26 -8.14 31.15
C ILE A 55 -2.10 -8.29 30.18
N LYS A 56 -2.38 -8.74 28.96
CA LYS A 56 -1.37 -8.94 27.93
C LYS A 56 -0.91 -7.65 27.28
N ILE A 57 0.41 -7.50 27.08
CA ILE A 57 1.07 -6.39 26.37
C ILE A 57 1.81 -7.08 25.21
N GLN A 58 1.54 -6.60 23.99
CA GLN A 58 2.12 -7.13 22.76
C GLN A 58 2.98 -6.06 22.08
N ASN A 59 4.14 -6.46 21.55
CA ASN A 59 5.03 -5.58 20.83
C ASN A 59 5.64 -6.40 19.73
N THR A 60 5.26 -6.08 18.46
CA THR A 60 5.80 -6.76 17.27
C THR A 60 6.92 -5.94 16.66
N GLY A 61 7.18 -4.79 17.23
CA GLY A 61 8.27 -3.95 16.79
C GLY A 61 7.89 -2.50 16.58
N ASP A 62 6.62 -2.17 16.78
CA ASP A 62 6.19 -0.80 16.57
C ASP A 62 5.91 -0.02 17.82
N TYR A 63 5.41 -0.67 18.88
CA TYR A 63 4.98 -0.05 20.15
C TYR A 63 4.52 -1.14 21.08
N TYR A 64 4.32 -0.78 22.35
CA TYR A 64 3.79 -1.67 23.38
C TYR A 64 2.27 -1.50 23.34
N ASP A 65 1.57 -2.51 22.86
CA ASP A 65 0.11 -2.52 22.71
C ASP A 65 -0.53 -3.24 23.91
N LEU A 66 -1.08 -2.44 24.84
CA LEU A 66 -1.72 -2.97 26.04
C LEU A 66 -3.21 -3.23 25.78
N TYR A 67 -3.67 -4.47 26.06
CA TYR A 67 -5.08 -4.87 25.91
C TYR A 67 -5.91 -4.08 26.93
N GLY A 68 -7.00 -3.46 26.47
CA GLY A 68 -7.87 -2.68 27.32
C GLY A 68 -7.35 -1.26 27.53
N GLY A 69 -6.10 -1.02 27.12
CA GLY A 69 -5.46 0.28 27.23
C GLY A 69 -5.01 0.87 25.90
N GLU A 70 -3.98 1.69 25.97
CA GLU A 70 -3.37 2.40 24.86
C GLU A 70 -2.01 1.77 24.43
N LYS A 71 -1.39 2.37 23.37
CA LYS A 71 -0.09 2.00 22.79
C LYS A 71 0.95 2.98 23.33
N PHE A 72 2.11 2.45 23.74
CA PHE A 72 3.17 3.21 24.41
C PHE A 72 4.56 2.91 23.85
N ALA A 73 5.48 3.89 24.08
CA ALA A 73 6.86 3.84 23.65
C ALA A 73 7.75 2.95 24.56
N THR A 74 7.45 2.92 25.88
CA THR A 74 8.17 2.09 26.85
C THR A 74 7.19 1.54 27.90
N LEU A 75 7.60 0.51 28.67
CA LEU A 75 6.83 -0.03 29.79
C LEU A 75 6.80 0.95 30.95
N ALA A 76 7.91 1.71 31.15
CA ALA A 76 8.02 2.76 32.17
C ALA A 76 7.07 3.92 31.84
N GLU A 77 6.84 4.20 30.53
CA GLU A 77 5.90 5.24 30.08
C GLU A 77 4.46 4.77 30.25
N LEU A 78 4.18 3.47 29.99
CA LEU A 78 2.85 2.85 30.18
C LEU A 78 2.45 2.97 31.68
N VAL A 79 3.33 2.47 32.56
CA VAL A 79 3.16 2.47 34.01
C VAL A 79 2.97 3.90 34.56
N GLN A 80 3.83 4.86 34.16
CA GLN A 80 3.79 6.25 34.60
C GLN A 80 2.43 6.88 34.29
N TYR A 81 1.93 6.64 33.08
CA TYR A 81 0.66 7.14 32.60
C TYR A 81 -0.51 6.62 33.46
N TYR A 82 -0.56 5.29 33.72
CA TYR A 82 -1.62 4.67 34.51
C TYR A 82 -1.51 4.93 36.01
N MET A 83 -0.33 5.34 36.49
CA MET A 83 -0.12 5.71 37.89
C MET A 83 -0.44 7.19 38.14
N GLU A 84 -0.49 7.98 37.04
CA GLU A 84 -0.76 9.42 37.04
C GLU A 84 -2.16 9.76 36.53
N HIS A 85 -2.88 8.77 35.94
CA HIS A 85 -4.22 8.95 35.39
C HIS A 85 -5.27 8.12 36.13
N ILE A 97 -9.62 -1.04 36.72
CA ILE A 97 -8.29 -1.53 37.08
C ILE A 97 -7.37 -0.36 37.47
N GLU A 98 -6.87 -0.40 38.71
CA GLU A 98 -6.00 0.62 39.28
C GLU A 98 -4.59 0.09 39.56
N LEU A 99 -3.55 0.80 39.07
CA LEU A 99 -2.16 0.47 39.38
C LEU A 99 -1.78 1.48 40.44
N LYS A 100 -1.72 1.03 41.68
CA LYS A 100 -1.42 1.88 42.82
C LYS A 100 -0.02 1.63 43.35
N TYR A 101 0.33 0.34 43.57
CA TYR A 101 1.56 -0.04 44.23
C TYR A 101 2.48 -0.97 43.44
N PRO A 102 3.64 -0.45 43.00
CA PRO A 102 4.61 -1.34 42.35
C PRO A 102 5.10 -2.43 43.30
N LEU A 103 5.08 -3.71 42.85
CA LEU A 103 5.60 -4.80 43.66
C LEU A 103 7.03 -4.97 43.21
N ASN A 104 7.97 -4.62 44.09
CA ASN A 104 9.39 -4.59 43.76
C ASN A 104 10.04 -5.95 43.72
N CYS A 105 10.84 -6.14 42.67
CA CYS A 105 11.60 -7.32 42.34
C CYS A 105 12.94 -7.17 43.06
N ALA A 106 13.37 -8.21 43.76
CA ALA A 106 14.61 -8.24 44.50
C ALA A 106 15.73 -8.94 43.70
N ASP A 107 15.36 -9.56 42.57
CA ASP A 107 16.27 -10.31 41.70
C ASP A 107 17.26 -9.35 40.99
N PRO A 108 18.59 -9.55 41.09
CA PRO A 108 19.51 -8.57 40.49
C PRO A 108 19.92 -8.81 39.03
N THR A 109 19.34 -9.82 38.36
CA THR A 109 19.67 -10.27 36.99
C THR A 109 19.78 -9.19 35.91
N SER A 110 18.90 -8.18 35.91
CA SER A 110 18.90 -7.11 34.88
C SER A 110 19.56 -5.81 35.32
N GLU A 111 20.41 -5.87 36.37
CA GLU A 111 21.18 -4.73 36.86
C GLU A 111 22.50 -4.69 36.09
N ARG A 112 22.95 -3.50 35.69
CA ARG A 112 24.18 -3.31 34.91
C ARG A 112 25.45 -3.86 35.57
N TRP A 113 25.52 -3.85 36.93
CA TRP A 113 26.67 -4.31 37.73
C TRP A 113 26.66 -5.79 38.10
N PHE A 114 25.54 -6.53 37.86
CA PHE A 114 25.48 -7.94 38.24
C PHE A 114 26.06 -8.87 37.17
N HIS A 115 27.04 -9.69 37.56
CA HIS A 115 27.75 -10.60 36.67
C HIS A 115 27.53 -12.08 36.96
N GLY A 116 26.72 -12.40 37.97
CA GLY A 116 26.41 -13.77 38.35
C GLY A 116 27.66 -14.57 38.61
N HIS A 117 27.85 -15.69 37.86
CA HIS A 117 29.06 -16.50 38.02
C HIS A 117 30.23 -15.82 37.34
N LEU A 118 31.23 -15.45 38.15
CA LEU A 118 32.45 -14.78 37.75
C LEU A 118 33.51 -15.03 38.81
N SER A 119 34.71 -15.36 38.36
CA SER A 119 35.85 -15.66 39.21
C SER A 119 36.46 -14.37 39.72
N GLY A 120 37.14 -14.43 40.87
CA GLY A 120 37.81 -13.30 41.49
C GLY A 120 38.97 -12.79 40.66
N LYS A 121 39.58 -13.72 39.88
CA LYS A 121 40.72 -13.46 38.98
C LYS A 121 40.18 -12.85 37.67
N GLU A 122 39.08 -13.43 37.12
CA GLU A 122 38.43 -12.95 35.90
C GLU A 122 37.84 -11.55 36.12
N ALA A 123 37.21 -11.31 37.30
CA ALA A 123 36.63 -10.02 37.70
C ALA A 123 37.71 -8.96 37.88
N GLU A 124 38.89 -9.38 38.43
CA GLU A 124 40.05 -8.50 38.64
C GLU A 124 40.67 -8.18 37.27
N LYS A 125 40.64 -9.16 36.34
CA LYS A 125 41.15 -9.00 34.96
C LYS A 125 40.28 -7.98 34.20
N LEU A 126 38.93 -8.15 34.24
CA LEU A 126 37.98 -7.21 33.62
C LEU A 126 38.17 -5.78 34.16
N LEU A 127 38.23 -5.61 35.50
CA LEU A 127 38.41 -4.31 36.15
C LEU A 127 39.76 -3.64 35.87
N THR A 128 40.82 -4.45 35.66
CA THR A 128 42.16 -3.95 35.35
C THR A 128 42.25 -3.45 33.90
N GLU A 129 41.67 -4.18 32.96
CA GLU A 129 41.70 -3.82 31.54
C GLU A 129 40.69 -2.74 31.15
N LYS A 130 39.38 -3.01 31.38
CA LYS A 130 38.26 -2.15 30.98
C LYS A 130 37.78 -1.14 32.03
N GLY A 131 38.35 -1.19 33.23
CA GLY A 131 37.94 -0.31 34.32
C GLY A 131 38.69 0.97 34.52
N LYS A 132 38.09 1.87 35.32
CA LYS A 132 38.64 3.17 35.72
C LYS A 132 38.23 3.45 37.18
N HIS A 133 38.62 4.62 37.75
CA HIS A 133 38.26 4.96 39.13
C HIS A 133 36.75 4.93 39.33
N GLY A 134 36.30 4.12 40.28
CA GLY A 134 34.89 3.95 40.61
C GLY A 134 34.18 2.80 39.92
N SER A 135 34.85 2.09 38.98
CA SER A 135 34.23 0.95 38.29
C SER A 135 34.02 -0.20 39.27
N PHE A 136 32.78 -0.70 39.34
CA PHE A 136 32.41 -1.77 40.24
C PHE A 136 31.56 -2.82 39.55
N LEU A 137 31.43 -3.97 40.22
CA LEU A 137 30.63 -5.11 39.79
C LEU A 137 30.23 -5.94 41.00
N VAL A 138 29.23 -6.78 40.84
CA VAL A 138 28.77 -7.69 41.88
C VAL A 138 28.65 -9.06 41.21
N ARG A 139 29.25 -10.09 41.84
CA ARG A 139 29.29 -11.47 41.35
C ARG A 139 28.93 -12.43 42.47
N GLU A 140 28.68 -13.71 42.14
CA GLU A 140 28.42 -14.78 43.11
C GLU A 140 29.77 -15.33 43.55
N PRO A 145 29.64 -20.00 49.07
CA PRO A 145 28.48 -20.49 48.30
C PRO A 145 27.18 -19.89 48.84
N GLY A 146 26.46 -19.21 47.95
CA GLY A 146 25.21 -18.51 48.28
C GLY A 146 25.40 -17.03 48.59
N ASP A 147 26.68 -16.62 48.82
CA ASP A 147 27.09 -15.24 49.11
C ASP A 147 27.54 -14.53 47.83
N PHE A 148 27.72 -13.20 47.90
CA PHE A 148 28.12 -12.37 46.74
C PHE A 148 29.37 -11.59 47.02
N VAL A 149 30.07 -11.12 45.98
CA VAL A 149 31.28 -10.31 46.15
C VAL A 149 31.13 -8.99 45.39
N LEU A 150 31.51 -7.86 46.03
CA LEU A 150 31.52 -6.53 45.44
C LEU A 150 32.98 -6.21 45.14
N SER A 151 33.35 -6.13 43.85
CA SER A 151 34.71 -5.83 43.41
C SER A 151 34.72 -4.42 42.82
N VAL A 152 35.56 -3.53 43.39
CA VAL A 152 35.65 -2.11 43.02
C VAL A 152 37.07 -1.72 42.65
N ARG A 153 37.20 -0.76 41.71
CA ARG A 153 38.48 -0.20 41.29
C ARG A 153 38.58 1.27 41.75
N THR A 154 39.71 1.65 42.37
CA THR A 154 39.99 3.02 42.82
C THR A 154 41.41 3.43 42.44
N GLY A 155 41.62 4.72 42.20
CA GLY A 155 42.93 5.29 41.87
C GLY A 155 42.97 6.16 40.64
N ASP A 156 43.63 5.68 39.56
CA ASP A 156 43.76 6.38 38.27
C ASP A 156 43.54 5.46 37.08
N SER A 166 46.48 2.96 41.41
CA SER A 166 45.24 2.23 41.10
C SER A 166 45.25 0.84 41.77
N LYS A 167 44.06 0.34 42.17
CA LYS A 167 43.89 -0.97 42.85
C LYS A 167 42.48 -1.56 42.71
N VAL A 168 42.33 -2.86 42.93
CA VAL A 168 41.03 -3.56 42.91
C VAL A 168 40.76 -4.14 44.32
N THR A 169 39.63 -3.77 44.95
CA THR A 169 39.24 -4.23 46.29
C THR A 169 37.97 -5.10 46.21
N HIS A 170 37.94 -6.20 46.99
CA HIS A 170 36.84 -7.15 47.06
C HIS A 170 36.20 -7.12 48.45
N VAL A 171 34.88 -6.88 48.49
CA VAL A 171 34.09 -6.80 49.70
C VAL A 171 33.09 -7.94 49.67
N MET A 172 33.08 -8.77 50.70
CA MET A 172 32.14 -9.90 50.79
C MET A 172 30.73 -9.40 51.15
N ILE A 173 29.71 -10.06 50.56
CA ILE A 173 28.29 -9.77 50.78
C ILE A 173 27.65 -11.07 51.22
N ARG A 174 27.36 -11.20 52.52
CA ARG A 174 26.73 -12.40 53.05
C ARG A 174 25.24 -12.37 52.79
N CYS A 175 24.68 -13.52 52.43
CA CYS A 175 23.26 -13.66 52.26
C CYS A 175 22.80 -14.46 53.47
N GLN A 176 22.20 -13.77 54.43
CA GLN A 176 21.71 -14.36 55.67
C GLN A 176 20.21 -14.12 55.73
N GLU A 177 19.43 -15.21 55.81
CA GLU A 177 17.97 -15.23 55.92
C GLU A 177 17.26 -14.36 54.86
N LEU A 178 17.77 -14.39 53.62
CA LEU A 178 17.29 -13.64 52.44
C LEU A 178 17.58 -12.13 52.55
N LYS A 179 18.54 -11.77 53.41
CA LYS A 179 19.00 -10.40 53.60
C LYS A 179 20.50 -10.32 53.32
N TYR A 180 20.94 -9.16 52.82
CA TYR A 180 22.30 -8.91 52.39
C TYR A 180 22.97 -7.87 53.25
N ASP A 181 24.25 -8.12 53.58
CA ASP A 181 25.05 -7.22 54.42
C ASP A 181 26.55 -7.38 54.13
N VAL A 182 27.34 -6.37 54.47
CA VAL A 182 28.80 -6.34 54.29
C VAL A 182 29.57 -6.72 55.59
N GLY A 183 28.90 -7.36 56.54
CA GLY A 183 29.48 -7.80 57.81
C GLY A 183 29.08 -6.99 59.04
N GLY A 184 28.35 -5.91 58.82
CA GLY A 184 27.89 -5.05 59.90
C GLY A 184 26.95 -3.98 59.41
N GLY A 185 26.24 -3.37 60.36
CA GLY A 185 25.26 -2.31 60.13
C GLY A 185 23.94 -2.80 59.57
N GLU A 186 23.51 -2.21 58.44
CA GLU A 186 22.25 -2.52 57.79
C GLU A 186 22.20 -3.90 57.09
N ARG A 187 21.00 -4.50 57.10
CA ARG A 187 20.66 -5.76 56.44
C ARG A 187 19.58 -5.40 55.41
N PHE A 188 19.94 -5.49 54.12
CA PHE A 188 19.10 -5.13 52.96
C PHE A 188 18.31 -6.32 52.43
N ASP A 189 17.12 -6.05 51.86
CA ASP A 189 16.24 -7.07 51.30
C ASP A 189 16.66 -7.54 49.91
N SER A 190 17.51 -6.74 49.24
CA SER A 190 18.04 -7.05 47.91
C SER A 190 19.42 -6.45 47.75
N LEU A 191 20.22 -7.00 46.81
CA LEU A 191 21.54 -6.50 46.46
C LEU A 191 21.44 -5.09 45.90
N THR A 192 20.33 -4.78 45.20
CA THR A 192 20.05 -3.46 44.65
C THR A 192 20.00 -2.43 45.77
N ASP A 193 19.24 -2.71 46.84
CA ASP A 193 19.15 -1.87 48.04
C ASP A 193 20.54 -1.71 48.70
N LEU A 194 21.37 -2.78 48.70
CA LEU A 194 22.70 -2.69 49.28
C LEU A 194 23.61 -1.80 48.42
N VAL A 195 23.56 -1.97 47.08
CA VAL A 195 24.38 -1.26 46.13
C VAL A 195 24.05 0.23 46.10
N GLU A 196 22.74 0.58 46.07
CA GLU A 196 22.30 1.98 46.04
C GLU A 196 22.69 2.75 47.33
N HIS A 197 22.62 2.07 48.48
CA HIS A 197 22.99 2.63 49.79
C HIS A 197 24.49 2.94 49.85
N TYR A 198 25.34 2.00 49.34
CA TYR A 198 26.79 2.19 49.38
C TYR A 198 27.28 3.05 48.22
N LYS A 199 26.39 3.33 47.24
CA LYS A 199 26.65 4.25 46.13
C LYS A 199 26.48 5.69 46.66
N LYS A 200 25.55 5.89 47.62
CA LYS A 200 25.25 7.18 48.25
C LYS A 200 26.16 7.43 49.45
N ASN A 201 26.34 6.40 50.29
CA ASN A 201 27.19 6.44 51.48
C ASN A 201 28.33 5.43 51.27
N PRO A 202 29.44 5.80 50.57
CA PRO A 202 30.49 4.82 50.30
C PRO A 202 31.28 4.36 51.51
N MET A 203 31.65 3.06 51.50
CA MET A 203 32.44 2.38 52.52
C MET A 203 33.82 3.00 52.50
N VAL A 204 34.33 3.38 53.67
CA VAL A 204 35.68 3.93 53.74
C VAL A 204 36.57 2.91 54.43
N GLU A 205 37.70 2.57 53.78
CA GLU A 205 38.71 1.66 54.30
C GLU A 205 39.33 2.38 55.48
N THR A 206 39.68 1.65 56.55
CA THR A 206 40.18 2.26 57.77
C THR A 206 41.63 2.79 57.63
N LEU A 207 41.99 3.30 56.43
CA LEU A 207 43.27 3.93 56.12
C LEU A 207 43.12 5.13 55.18
N GLY A 208 41.87 5.48 54.83
CA GLY A 208 41.57 6.64 54.01
C GLY A 208 40.83 6.44 52.70
N THR A 209 40.99 5.27 52.05
CA THR A 209 40.40 4.96 50.75
C THR A 209 38.87 4.90 50.78
N VAL A 210 38.22 5.70 49.92
CA VAL A 210 36.76 5.72 49.80
C VAL A 210 36.40 4.71 48.68
N LEU A 211 35.69 3.62 49.02
CA LEU A 211 35.27 2.61 48.03
C LEU A 211 34.06 3.10 47.21
N GLN A 212 34.32 4.14 46.39
CA GLN A 212 33.36 4.83 45.55
C GLN A 212 32.85 3.97 44.41
N LEU A 213 31.52 3.82 44.34
CA LEU A 213 30.86 3.02 43.31
C LEU A 213 30.29 4.00 42.29
N LYS A 214 31.19 4.62 41.49
CA LYS A 214 30.87 5.62 40.47
C LYS A 214 30.02 5.04 39.34
N GLN A 215 30.60 4.19 38.49
CA GLN A 215 29.89 3.61 37.35
C GLN A 215 30.04 2.09 37.22
N PRO A 216 29.00 1.33 36.78
CA PRO A 216 29.19 -0.12 36.59
C PRO A 216 30.27 -0.37 35.54
N LEU A 217 31.00 -1.51 35.65
CA LEU A 217 32.06 -1.87 34.70
C LEU A 217 31.44 -2.05 33.32
N ASN A 218 32.05 -1.41 32.29
CA ASN A 218 31.56 -1.54 30.92
C ASN A 218 32.16 -2.78 30.26
N THR A 219 31.30 -3.78 29.97
CA THR A 219 31.69 -5.02 29.32
C THR A 219 31.03 -5.16 27.92
N THR A 220 30.06 -4.29 27.60
CA THR A 220 29.32 -4.35 26.32
C THR A 220 30.13 -3.85 25.13
N ARG A 221 31.08 -2.92 25.38
CA ARG A 221 31.95 -2.38 24.35
C ARG A 221 32.89 -3.46 23.81
N ILE A 222 32.79 -3.71 22.50
CA ILE A 222 33.61 -4.68 21.77
C ILE A 222 34.43 -3.95 20.75
N ASN A 223 35.53 -4.59 20.30
CA ASN A 223 36.28 -4.02 19.20
C ASN A 223 35.49 -4.49 17.95
N ALA A 224 35.37 -3.61 16.93
CA ALA A 224 34.57 -3.90 15.74
C ALA A 224 34.94 -5.21 15.07
N ALA A 225 36.27 -5.46 14.94
CA ALA A 225 36.80 -6.70 14.38
C ALA A 225 36.33 -7.98 15.09
N GLU A 226 35.98 -7.92 16.42
CA GLU A 226 35.57 -9.15 17.15
C GLU A 226 34.02 -9.32 17.32
N ILE A 227 33.20 -8.59 16.53
CA ILE A 227 31.73 -8.69 16.54
C ILE A 227 31.25 -10.18 16.41
N GLU A 228 31.88 -10.99 15.50
CA GLU A 228 31.54 -12.41 15.29
C GLU A 228 31.71 -13.24 16.58
N SER A 229 32.74 -12.93 17.38
CA SER A 229 32.98 -13.64 18.64
C SER A 229 31.87 -13.27 19.64
N ARG A 230 31.56 -11.97 19.76
CA ARG A 230 30.48 -11.47 20.64
C ARG A 230 29.09 -11.99 20.24
N VAL A 231 28.78 -12.00 18.91
CA VAL A 231 27.51 -12.49 18.37
C VAL A 231 27.30 -13.95 18.79
N ARG A 232 28.38 -14.78 18.65
CA ARG A 232 28.44 -16.19 19.05
C ARG A 232 28.22 -16.38 20.58
N GLU A 233 28.87 -15.53 21.41
CA GLU A 233 28.74 -15.52 22.86
C GLU A 233 27.30 -15.16 23.27
N LEU A 234 26.71 -14.12 22.61
CA LEU A 234 25.35 -13.64 22.87
C LEU A 234 24.28 -14.59 22.32
N SER A 235 24.64 -15.44 21.33
CA SER A 235 23.73 -16.45 20.74
C SER A 235 23.62 -17.69 21.64
N LYS A 236 24.43 -17.77 22.73
CA LYS A 236 24.39 -18.88 23.68
C LYS A 236 23.32 -18.66 24.75
N LEU A 237 22.79 -19.76 25.31
CA LEU A 237 21.77 -19.78 26.36
C LEU A 237 22.33 -19.29 27.68
N GLN A 246 18.56 -17.04 25.98
CA GLN A 246 19.66 -16.53 25.14
C GLN A 246 20.32 -15.23 25.65
N GLY A 247 21.62 -15.09 25.38
CA GLY A 247 22.45 -13.96 25.78
C GLY A 247 21.98 -12.61 25.29
N PHE A 248 21.43 -12.58 24.06
CA PHE A 248 20.87 -11.36 23.43
C PHE A 248 19.70 -10.83 24.27
N TRP A 249 18.82 -11.75 24.79
CA TRP A 249 17.69 -11.41 25.67
C TRP A 249 18.18 -10.81 26.99
N GLU A 250 19.22 -11.41 27.60
CA GLU A 250 19.81 -10.95 28.87
C GLU A 250 20.35 -9.51 28.76
N GLU A 251 21.06 -9.22 27.64
CA GLU A 251 21.61 -7.89 27.36
C GLU A 251 20.51 -6.85 27.02
N PHE A 252 19.53 -7.22 26.19
CA PHE A 252 18.45 -6.27 25.86
C PHE A 252 17.67 -5.88 27.12
N GLU A 253 17.34 -6.88 27.97
CA GLU A 253 16.59 -6.61 29.19
C GLU A 253 17.35 -5.76 30.22
N THR A 254 18.71 -5.82 30.26
CA THR A 254 19.52 -4.95 31.15
C THR A 254 19.42 -3.49 30.65
N LEU A 255 19.43 -3.31 29.31
CA LEU A 255 19.26 -2.01 28.63
C LEU A 255 17.87 -1.46 28.91
N GLN A 256 16.85 -2.33 28.88
CA GLN A 256 15.46 -1.92 29.16
C GLN A 256 15.27 -1.41 30.61
N GLN A 257 16.08 -1.91 31.56
CA GLN A 257 15.98 -1.50 32.96
C GLN A 257 16.47 -0.08 33.18
N GLN A 258 17.12 0.50 32.16
CA GLN A 258 17.67 1.86 32.20
C GLN A 258 16.74 2.89 31.56
N GLU A 259 15.55 2.45 31.12
CA GLU A 259 14.59 3.35 30.48
C GLU A 259 13.92 4.28 31.47
N CYS A 260 13.89 3.89 32.78
CA CYS A 260 13.33 4.68 33.87
C CYS A 260 14.06 6.02 34.02
N LYS A 261 15.34 6.09 33.54
CA LYS A 261 16.14 7.31 33.57
C LYS A 261 15.80 8.23 32.39
N LEU A 262 14.93 7.76 31.48
CA LEU A 262 14.56 8.48 30.25
C LEU A 262 13.11 9.00 30.24
N LEU A 263 12.52 9.20 31.42
CA LEU A 263 11.15 9.74 31.50
C LEU A 263 11.17 11.28 31.49
N TYR A 264 11.70 11.84 30.38
CA TYR A 264 11.77 13.28 30.11
C TYR A 264 10.40 13.83 29.71
N SER A 265 10.17 15.15 29.94
CA SER A 265 8.87 15.73 29.63
C SER A 265 8.54 15.77 28.14
N ARG A 266 7.23 15.62 27.86
CA ARG A 266 6.57 15.61 26.56
C ARG A 266 5.26 16.46 26.62
N LYS A 267 5.33 17.65 27.27
CA LYS A 267 4.23 18.61 27.47
C LYS A 267 3.64 19.16 26.17
N GLU A 268 4.49 19.65 25.24
CA GLU A 268 4.06 20.23 23.96
C GLU A 268 3.20 19.29 23.15
N GLY A 269 3.46 17.99 23.25
CA GLY A 269 2.68 16.95 22.57
C GLY A 269 1.36 16.63 23.25
N GLN A 270 1.21 17.08 24.52
CA GLN A 270 0.03 16.89 25.39
C GLN A 270 -0.94 18.07 25.30
N ARG A 271 -0.48 19.21 24.72
CA ARG A 271 -1.29 20.41 24.52
C ARG A 271 -2.49 20.10 23.65
N GLN A 272 -3.66 20.71 23.99
CA GLN A 272 -4.95 20.50 23.32
C GLN A 272 -4.86 20.60 21.81
N GLU A 273 -4.18 21.66 21.35
CA GLU A 273 -3.97 22.03 19.97
C GLU A 273 -3.10 21.03 19.19
N ASN A 274 -2.34 20.17 19.91
CA ASN A 274 -1.42 19.22 19.32
C ASN A 274 -1.82 17.75 19.40
N LYS A 275 -2.92 17.42 20.12
CA LYS A 275 -3.40 16.04 20.30
C LYS A 275 -3.65 15.27 18.98
N ASN A 276 -4.33 15.89 18.00
CA ASN A 276 -4.63 15.17 16.75
C ASN A 276 -3.48 15.25 15.71
N LYS A 277 -2.32 15.79 16.14
CA LYS A 277 -1.13 15.87 15.28
C LYS A 277 -0.23 14.66 15.57
N ASN A 278 -0.65 13.83 16.55
CA ASN A 278 0.01 12.62 17.01
C ASN A 278 -0.77 11.44 16.50
N ARG A 279 -0.06 10.43 16.01
CA ARG A 279 -0.65 9.23 15.41
C ARG A 279 -1.16 8.31 16.52
N TYR A 280 -0.42 8.27 17.62
CA TYR A 280 -0.71 7.55 18.85
C TYR A 280 -0.62 8.60 19.92
N LYS A 281 -1.72 8.82 20.64
CA LYS A 281 -1.91 9.83 21.71
C LYS A 281 -0.73 9.92 22.74
N ASN A 282 -0.22 8.77 23.22
CA ASN A 282 0.83 8.73 24.24
C ASN A 282 2.22 8.46 23.70
N ILE A 283 2.40 8.46 22.36
CA ILE A 283 3.74 8.28 21.79
C ILE A 283 4.17 9.67 21.37
N LEU A 284 4.85 10.36 22.30
CA LEU A 284 5.16 11.76 22.09
C LEU A 284 6.63 12.11 22.05
N PRO A 285 6.97 13.27 21.39
CA PRO A 285 8.37 13.69 21.37
C PRO A 285 8.80 14.44 22.64
N PHE A 286 10.04 14.21 23.07
CA PHE A 286 10.58 14.93 24.19
C PHE A 286 10.65 16.39 23.79
N ASP A 287 10.35 17.29 24.74
CA ASP A 287 10.37 18.73 24.49
C ASP A 287 11.77 19.22 24.22
N HIS A 288 12.77 18.64 24.90
CA HIS A 288 14.15 19.13 24.79
C HIS A 288 14.80 18.81 23.45
N THR A 289 14.25 17.83 22.68
CA THR A 289 14.80 17.45 21.37
C THR A 289 13.80 17.60 20.21
N ARG A 290 12.53 17.92 20.51
CA ARG A 290 11.51 18.04 19.47
C ARG A 290 11.85 19.04 18.36
N VAL A 291 11.39 18.76 17.12
CA VAL A 291 11.60 19.74 16.04
C VAL A 291 10.58 20.88 16.20
N VAL A 292 11.06 22.11 16.39
CA VAL A 292 10.23 23.31 16.55
C VAL A 292 10.09 23.93 15.18
N LEU A 293 8.87 24.17 14.71
CA LEU A 293 8.61 24.77 13.40
C LEU A 293 8.39 26.26 13.55
N HIS A 294 9.15 27.03 12.78
CA HIS A 294 9.09 28.49 12.74
C HIS A 294 8.64 28.82 11.31
N SER A 303 1.34 27.00 14.98
CA SER A 303 1.67 25.68 14.49
C SER A 303 3.19 25.44 14.48
N ASP A 304 3.77 25.26 15.68
CA ASP A 304 5.20 24.98 15.89
C ASP A 304 5.48 23.49 16.16
N TYR A 305 4.43 22.65 16.12
CA TYR A 305 4.49 21.23 16.49
C TYR A 305 4.42 20.21 15.38
N ILE A 306 5.32 19.22 15.51
CA ILE A 306 5.41 18.02 14.69
C ILE A 306 5.86 16.83 15.63
N ASN A 307 5.29 15.63 15.47
CA ASN A 307 5.76 14.52 16.28
C ASN A 307 7.05 14.02 15.60
N ALA A 308 8.15 14.75 15.85
CA ALA A 308 9.48 14.51 15.35
C ALA A 308 10.47 14.97 16.41
N ASN A 309 11.66 14.37 16.42
CA ASN A 309 12.81 14.68 17.29
C ASN A 309 14.11 14.68 16.50
N ILE A 310 15.03 15.59 16.85
CA ILE A 310 16.37 15.57 16.26
C ILE A 310 17.14 14.41 16.89
N ILE A 311 17.83 13.60 16.11
CA ILE A 311 18.68 12.54 16.71
C ILE A 311 20.13 12.85 16.34
N MET A 312 20.94 13.14 17.37
CA MET A 312 22.36 13.48 17.26
C MET A 312 23.24 12.33 17.73
N PRO A 313 24.09 11.75 16.85
CA PRO A 313 24.91 10.58 17.24
C PRO A 313 25.91 10.76 18.39
N LYS A 326 26.74 13.70 10.89
CA LYS A 326 25.47 13.31 10.25
C LYS A 326 24.38 13.18 11.31
N SER A 327 23.28 13.95 11.16
CA SER A 327 22.11 13.93 12.05
C SER A 327 20.86 13.31 11.39
N TYR A 328 19.86 13.03 12.24
CA TYR A 328 18.61 12.42 11.82
C TYR A 328 17.44 13.13 12.42
N ILE A 329 16.31 13.03 11.77
CA ILE A 329 15.03 13.49 12.33
C ILE A 329 14.21 12.20 12.37
N ALA A 330 13.87 11.74 13.58
CA ALA A 330 13.09 10.52 13.77
C ALA A 330 11.67 10.95 13.94
N THR A 331 10.81 10.43 13.08
CA THR A 331 9.43 10.88 13.09
C THR A 331 8.42 9.76 12.80
N GLN A 332 7.13 10.08 13.00
CA GLN A 332 6.01 9.22 12.79
C GLN A 332 5.58 9.32 11.30
N GLY A 333 4.75 8.36 10.88
CA GLY A 333 4.13 8.35 9.57
C GLY A 333 3.08 9.44 9.57
N CYS A 334 3.06 10.27 8.50
CA CYS A 334 2.16 11.41 8.31
C CYS A 334 0.73 11.06 8.54
N LEU A 335 -0.04 12.00 9.08
CA LEU A 335 -1.51 11.92 9.11
C LEU A 335 -1.95 12.89 8.02
N GLN A 336 -3.21 12.78 7.52
CA GLN A 336 -3.67 13.73 6.49
C GLN A 336 -3.55 15.17 6.96
N ASN A 337 -3.78 15.40 8.27
CA ASN A 337 -3.72 16.72 8.87
C ASN A 337 -2.30 17.17 9.23
N THR A 338 -1.27 16.31 8.97
CA THR A 338 0.11 16.68 9.32
C THR A 338 1.05 16.73 8.10
N VAL A 339 0.51 16.45 6.90
CA VAL A 339 1.32 16.49 5.66
C VAL A 339 1.97 17.85 5.45
N ASN A 340 1.22 18.95 5.65
CA ASN A 340 1.77 20.28 5.47
C ASN A 340 2.91 20.58 6.48
N ASP A 341 2.75 20.13 7.74
CA ASP A 341 3.72 20.32 8.85
C ASP A 341 4.98 19.55 8.56
N PHE A 342 4.84 18.35 7.97
CA PHE A 342 5.96 17.52 7.55
C PHE A 342 6.81 18.24 6.46
N TRP A 343 6.19 18.84 5.43
CA TRP A 343 6.98 19.51 4.37
C TRP A 343 7.64 20.80 4.86
N ARG A 344 6.99 21.52 5.79
CA ARG A 344 7.57 22.67 6.48
C ARG A 344 8.81 22.23 7.29
N MET A 345 8.76 21.02 7.91
CA MET A 345 9.89 20.49 8.67
C MET A 345 11.05 20.23 7.74
N VAL A 346 10.81 19.47 6.66
CA VAL A 346 11.82 19.11 5.64
C VAL A 346 12.51 20.36 5.10
N PHE A 347 11.69 21.41 4.76
CA PHE A 347 12.16 22.69 4.23
C PHE A 347 13.05 23.45 5.22
N GLN A 348 12.55 23.68 6.45
CA GLN A 348 13.24 24.40 7.53
C GLN A 348 14.56 23.75 7.93
N GLU A 349 14.56 22.41 8.01
CA GLU A 349 15.73 21.65 8.43
C GLU A 349 16.70 21.37 7.30
N ASN A 350 16.36 21.86 6.08
CA ASN A 350 17.20 21.69 4.89
C ASN A 350 17.54 20.23 4.63
N SER A 351 16.62 19.30 5.06
CA SER A 351 16.80 17.86 4.84
C SER A 351 16.66 17.57 3.34
N ARG A 352 17.53 16.69 2.86
CA ARG A 352 17.63 16.35 1.47
C ARG A 352 17.33 14.88 1.19
N VAL A 353 17.14 14.09 2.25
CA VAL A 353 16.93 12.65 2.15
C VAL A 353 15.91 12.26 3.18
N ILE A 354 14.92 11.50 2.73
CA ILE A 354 13.87 10.93 3.54
C ILE A 354 13.99 9.42 3.40
N VAL A 355 13.92 8.71 4.53
CA VAL A 355 13.96 7.26 4.65
C VAL A 355 12.60 6.87 5.18
N MET A 356 11.84 6.11 4.37
CA MET A 356 10.53 5.61 4.77
C MET A 356 10.63 4.08 4.89
N THR A 357 10.36 3.54 6.05
CA THR A 357 10.55 2.10 6.37
C THR A 357 9.25 1.34 6.61
N THR A 358 8.14 1.87 6.12
CA THR A 358 6.84 1.22 6.21
C THR A 358 6.12 1.29 4.85
N LYS A 359 5.15 0.39 4.63
CA LYS A 359 4.26 0.50 3.49
C LYS A 359 3.21 1.54 3.91
N GLU A 360 2.40 2.03 2.98
CA GLU A 360 1.38 3.01 3.36
C GLU A 360 0.34 2.30 4.22
N VAL A 361 0.06 1.05 3.85
CA VAL A 361 -0.93 0.21 4.52
C VAL A 361 -0.25 -1.09 4.92
N GLU A 362 -0.44 -1.50 6.19
CA GLU A 362 0.05 -2.79 6.65
C GLU A 362 -1.03 -3.49 7.42
N ARG A 363 -1.31 -4.76 7.04
CA ARG A 363 -2.32 -5.61 7.71
C ARG A 363 -3.70 -4.92 7.74
N GLY A 364 -4.02 -4.22 6.67
CA GLY A 364 -5.29 -3.50 6.52
C GLY A 364 -5.42 -2.18 7.26
N LYS A 365 -4.36 -1.77 8.00
CA LYS A 365 -4.34 -0.52 8.74
C LYS A 365 -3.36 0.49 8.06
N SER A 366 -3.75 1.76 8.01
CA SER A 366 -2.90 2.83 7.45
C SER A 366 -1.74 3.13 8.43
N LYS A 367 -0.51 3.22 7.90
CA LYS A 367 0.72 3.45 8.65
C LYS A 367 1.33 4.84 8.40
N CYS A 368 1.06 5.43 7.22
CA CYS A 368 1.56 6.73 6.78
C CYS A 368 0.71 7.13 5.61
N VAL A 369 0.25 8.39 5.58
CA VAL A 369 -0.51 8.81 4.39
C VAL A 369 0.48 9.09 3.24
N LYS A 370 0.00 9.06 1.97
CA LYS A 370 0.83 9.35 0.80
C LYS A 370 1.10 10.84 0.82
N TYR A 371 2.30 11.24 1.25
CA TYR A 371 2.63 12.67 1.41
C TYR A 371 3.40 13.27 0.24
N TRP A 372 3.68 12.49 -0.76
CA TRP A 372 4.39 12.90 -1.97
C TRP A 372 3.45 12.78 -3.20
N PRO A 373 3.67 13.54 -4.29
CA PRO A 373 2.80 13.38 -5.48
C PRO A 373 3.06 12.11 -6.28
N ASP A 374 2.16 11.79 -7.22
CA ASP A 374 2.35 10.67 -8.15
C ASP A 374 3.52 11.05 -9.08
N GLU A 375 4.17 10.06 -9.71
CA GLU A 375 5.28 10.33 -10.64
C GLU A 375 4.85 11.30 -11.75
N TYR A 376 5.69 12.37 -11.94
CA TYR A 376 5.56 13.49 -12.88
C TYR A 376 4.55 14.57 -12.42
N ALA A 377 3.72 14.27 -11.40
CA ALA A 377 2.74 15.24 -10.89
C ALA A 377 3.41 16.33 -10.05
N LEU A 378 2.68 17.43 -9.87
CA LEU A 378 3.11 18.57 -9.09
C LEU A 378 1.97 18.86 -8.11
N LYS A 379 2.30 19.08 -6.84
CA LYS A 379 1.30 19.32 -5.80
C LYS A 379 1.76 20.37 -4.80
N GLU A 380 0.81 21.04 -4.20
CA GLU A 380 1.06 22.03 -3.17
C GLU A 380 0.55 21.48 -1.87
N TYR A 381 1.38 21.57 -0.84
CA TYR A 381 1.07 21.16 0.52
C TYR A 381 1.20 22.44 1.36
N GLY A 382 0.13 23.24 1.39
CA GLY A 382 0.17 24.53 2.08
C GLY A 382 1.06 25.51 1.33
N VAL A 383 2.02 26.14 2.03
CA VAL A 383 2.92 27.05 1.29
C VAL A 383 4.09 26.26 0.66
N MET A 384 4.10 24.90 0.85
CA MET A 384 5.13 24.04 0.27
C MET A 384 4.66 23.49 -1.07
N ARG A 385 5.61 23.14 -1.93
CA ARG A 385 5.30 22.68 -3.27
C ARG A 385 6.23 21.55 -3.63
N VAL A 386 5.67 20.43 -4.05
CA VAL A 386 6.46 19.25 -4.40
C VAL A 386 6.14 18.73 -5.78
N ARG A 387 7.18 18.51 -6.55
CA ARG A 387 7.12 17.86 -7.83
C ARG A 387 7.75 16.47 -7.66
N ASN A 388 7.09 15.40 -8.15
CA ASN A 388 7.72 14.08 -8.15
C ASN A 388 8.35 13.96 -9.54
N VAL A 389 9.65 14.24 -9.62
CA VAL A 389 10.41 14.25 -10.87
C VAL A 389 10.50 12.86 -11.51
N LYS A 390 10.90 11.84 -10.74
CA LYS A 390 11.11 10.49 -11.23
C LYS A 390 11.08 9.48 -10.10
N GLU A 391 10.50 8.28 -10.37
CA GLU A 391 10.46 7.14 -9.46
C GLU A 391 11.32 6.01 -10.03
N SER A 392 12.26 5.52 -9.23
CA SER A 392 13.16 4.42 -9.63
C SER A 392 12.90 3.22 -8.73
N ALA A 393 12.74 2.04 -9.29
CA ALA A 393 12.47 0.87 -8.46
C ALA A 393 13.60 -0.13 -8.40
N ALA A 394 13.96 -0.53 -7.18
CA ALA A 394 14.96 -1.56 -6.91
C ALA A 394 14.23 -2.75 -6.23
N HIS A 395 14.95 -3.83 -5.89
CA HIS A 395 14.35 -5.01 -5.28
C HIS A 395 13.60 -4.70 -3.95
N ASP A 396 14.34 -4.26 -2.92
CA ASP A 396 13.83 -3.99 -1.56
C ASP A 396 13.13 -2.66 -1.37
N TYR A 397 13.29 -1.70 -2.32
CA TYR A 397 12.78 -0.34 -2.16
C TYR A 397 12.45 0.42 -3.45
N THR A 398 11.92 1.65 -3.27
CA THR A 398 11.66 2.59 -4.34
C THR A 398 12.35 3.90 -3.99
N LEU A 399 13.01 4.50 -4.98
CA LEU A 399 13.60 5.82 -4.87
C LEU A 399 12.68 6.86 -5.57
N ARG A 400 12.29 7.95 -4.88
CA ARG A 400 11.52 9.03 -5.51
C ARG A 400 12.32 10.36 -5.46
N GLU A 401 12.54 10.96 -6.65
CA GLU A 401 13.23 12.24 -6.81
C GLU A 401 12.18 13.34 -6.73
N LEU A 402 12.17 14.05 -5.61
CA LEU A 402 11.20 15.11 -5.36
C LEU A 402 11.92 16.43 -5.38
N LYS A 403 11.27 17.47 -5.86
CA LYS A 403 11.81 18.83 -5.84
C LYS A 403 10.87 19.58 -4.90
N LEU A 404 11.42 20.22 -3.87
CA LEU A 404 10.67 20.98 -2.83
C LEU A 404 11.05 22.45 -2.95
N SER A 405 10.05 23.32 -2.84
CA SER A 405 10.21 24.76 -2.93
C SER A 405 9.11 25.43 -2.10
N LYS A 406 9.27 26.71 -1.83
CA LYS A 406 8.24 27.44 -1.13
C LYS A 406 7.48 28.18 -2.22
N VAL A 407 6.15 28.04 -2.24
CA VAL A 407 5.22 28.69 -3.16
C VAL A 407 5.56 30.21 -3.15
N GLY A 408 5.62 30.84 -4.32
CA GLY A 408 5.95 32.25 -4.43
C GLY A 408 7.43 32.58 -4.43
N GLN A 409 8.29 31.58 -4.16
CA GLN A 409 9.75 31.72 -4.10
C GLN A 409 10.47 30.59 -4.86
N GLY A 410 10.64 30.76 -6.17
CA GLY A 410 11.30 29.81 -7.05
C GLY A 410 12.72 29.42 -6.64
N ASN A 411 13.54 30.41 -6.21
CA ASN A 411 14.92 30.21 -5.79
C ASN A 411 15.12 29.42 -4.45
N THR A 412 14.06 28.79 -3.93
CA THR A 412 14.15 28.00 -2.69
C THR A 412 14.14 26.51 -3.01
N GLU A 413 14.07 26.18 -4.30
CA GLU A 413 14.00 24.80 -4.78
C GLU A 413 15.22 23.95 -4.35
N ARG A 414 14.96 22.67 -4.00
CA ARG A 414 15.99 21.68 -3.67
C ARG A 414 15.48 20.31 -3.98
N THR A 415 16.35 19.40 -4.33
CA THR A 415 15.94 18.03 -4.56
C THR A 415 15.88 17.32 -3.21
N VAL A 416 14.81 16.54 -2.98
CA VAL A 416 14.63 15.71 -1.78
C VAL A 416 14.48 14.26 -2.25
N TRP A 417 15.44 13.42 -1.88
CA TRP A 417 15.46 12.02 -2.27
C TRP A 417 14.72 11.18 -1.22
N GLN A 418 13.64 10.52 -1.65
CA GLN A 418 12.83 9.67 -0.78
C GLN A 418 13.13 8.23 -1.05
N TYR A 419 13.72 7.58 -0.07
CA TYR A 419 14.09 6.18 -0.12
C TYR A 419 13.01 5.40 0.64
N HIS A 420 12.18 4.69 -0.08
CA HIS A 420 11.08 3.97 0.53
C HIS A 420 11.33 2.44 0.55
N PHE A 421 11.78 1.89 1.71
CA PHE A 421 11.98 0.44 1.95
C PHE A 421 10.61 -0.18 2.05
N ARG A 422 10.31 -1.15 1.17
CA ARG A 422 8.96 -1.73 1.04
C ARG A 422 8.79 -3.21 1.46
N THR A 423 9.87 -3.90 1.80
CA THR A 423 9.84 -5.33 2.07
C THR A 423 10.03 -5.75 3.53
N TRP A 424 10.05 -4.79 4.48
CA TRP A 424 10.22 -5.15 5.89
C TRP A 424 8.99 -5.97 6.28
N PRO A 425 9.18 -7.15 6.92
CA PRO A 425 8.01 -7.97 7.32
C PRO A 425 7.00 -7.22 8.19
N ASP A 426 5.71 -7.57 8.09
CA ASP A 426 4.63 -6.94 8.86
C ASP A 426 4.86 -7.08 10.37
N HIS A 427 5.42 -8.22 10.80
CA HIS A 427 5.80 -8.52 12.19
C HIS A 427 7.26 -8.98 12.21
N GLY A 428 7.96 -8.66 13.30
CA GLY A 428 9.36 -9.05 13.47
C GLY A 428 10.35 -8.35 12.56
N VAL A 429 11.47 -9.02 12.26
CA VAL A 429 12.53 -8.42 11.44
C VAL A 429 12.84 -9.22 10.18
N PRO A 430 13.57 -8.65 9.16
CA PRO A 430 13.97 -9.47 8.00
C PRO A 430 14.90 -10.62 8.46
N SER A 431 14.84 -11.79 7.82
CA SER A 431 15.67 -12.96 8.18
C SER A 431 17.16 -12.80 7.83
N ASP A 432 17.49 -11.89 6.91
CA ASP A 432 18.86 -11.59 6.46
C ASP A 432 19.03 -10.06 6.39
N PRO A 433 20.12 -9.47 6.98
CA PRO A 433 20.25 -8.01 6.96
C PRO A 433 20.85 -7.38 5.69
N GLY A 434 21.20 -8.20 4.69
CA GLY A 434 21.81 -7.77 3.42
C GLY A 434 21.09 -6.66 2.69
N GLY A 435 19.78 -6.83 2.50
CA GLY A 435 18.89 -5.86 1.86
C GLY A 435 18.83 -4.50 2.51
N VAL A 436 18.74 -4.46 3.86
CA VAL A 436 18.68 -3.24 4.72
C VAL A 436 20.03 -2.49 4.61
N LEU A 437 21.13 -3.26 4.64
CA LEU A 437 22.49 -2.75 4.56
C LEU A 437 22.78 -2.08 3.24
N ASP A 438 22.36 -2.69 2.12
CA ASP A 438 22.49 -2.16 0.75
C ASP A 438 21.71 -0.85 0.61
N PHE A 439 20.51 -0.83 1.21
CA PHE A 439 19.63 0.31 1.29
C PHE A 439 20.33 1.43 2.09
N LEU A 440 20.85 1.14 3.32
CA LEU A 440 21.54 2.11 4.16
C LEU A 440 22.79 2.64 3.51
N GLU A 441 23.49 1.74 2.73
CA GLU A 441 24.68 2.14 2.00
C GLU A 441 24.35 3.20 0.93
N GLU A 442 23.34 2.94 0.13
CA GLU A 442 22.88 3.87 -0.91
C GLU A 442 22.40 5.23 -0.31
N VAL A 443 21.65 5.19 0.82
CA VAL A 443 21.17 6.38 1.56
C VAL A 443 22.38 7.20 2.03
N HIS A 444 23.41 6.51 2.59
CA HIS A 444 24.57 7.21 3.09
C HIS A 444 25.30 8.01 2.00
N HIS A 445 25.47 7.38 0.85
CA HIS A 445 26.17 7.95 -0.30
C HIS A 445 25.46 9.14 -0.89
N LYS A 446 24.12 9.08 -0.98
CA LYS A 446 23.29 10.20 -1.44
C LYS A 446 23.47 11.38 -0.51
N GLN A 447 23.36 11.16 0.82
CA GLN A 447 23.54 12.19 1.85
C GLN A 447 24.93 12.85 1.79
N GLU A 448 26.00 12.02 1.73
CA GLU A 448 27.37 12.46 1.64
C GLU A 448 27.70 13.28 0.37
N SER A 449 27.02 13.00 -0.75
CA SER A 449 27.18 13.66 -2.06
C SER A 449 26.61 15.10 -2.12
N ILE A 450 25.68 15.44 -1.21
CA ILE A 450 25.00 16.74 -1.16
C ILE A 450 25.66 17.72 -0.18
N MET A 451 26.21 18.81 -0.72
CA MET A 451 26.88 19.85 0.03
C MET A 451 25.91 20.50 1.01
N ASP A 452 26.28 20.47 2.30
CA ASP A 452 25.59 21.06 3.45
C ASP A 452 24.11 20.61 3.61
N ALA A 453 23.84 19.30 3.37
CA ALA A 453 22.52 18.70 3.53
C ALA A 453 22.17 18.69 5.01
N GLY A 454 20.89 18.87 5.33
CA GLY A 454 20.40 18.83 6.70
C GLY A 454 20.26 17.42 7.20
N PRO A 455 19.63 17.21 8.38
CA PRO A 455 19.49 15.84 8.91
C PRO A 455 18.67 14.92 8.02
N VAL A 456 19.02 13.60 7.99
CA VAL A 456 18.31 12.57 7.20
C VAL A 456 16.95 12.36 7.90
N VAL A 457 15.80 12.50 7.18
CA VAL A 457 14.51 12.25 7.81
C VAL A 457 14.23 10.75 7.79
N VAL A 458 13.94 10.16 8.93
CA VAL A 458 13.67 8.73 9.04
C VAL A 458 12.32 8.53 9.70
N HIS A 459 11.43 7.76 9.03
CA HIS A 459 10.12 7.45 9.57
C HIS A 459 9.59 6.07 9.17
N CYS A 460 8.77 5.51 10.08
CA CYS A 460 7.95 4.30 9.93
C CYS A 460 6.49 4.75 10.26
N SER A 461 5.78 4.11 11.20
CA SER A 461 4.41 4.44 11.62
C SER A 461 4.48 5.36 12.84
N ALA A 462 4.89 4.86 14.02
CA ALA A 462 5.05 5.70 15.21
C ALA A 462 6.45 6.37 15.27
N GLY A 463 7.35 5.94 14.42
CA GLY A 463 8.71 6.47 14.35
C GLY A 463 9.64 6.12 15.50
N ILE A 464 9.47 4.94 16.09
CA ILE A 464 10.38 4.57 17.18
C ILE A 464 11.02 3.20 16.95
N GLY A 465 10.26 2.24 16.41
CA GLY A 465 10.74 0.87 16.20
C GLY A 465 11.71 0.63 15.08
N ARG A 466 11.16 0.58 13.88
CA ARG A 466 11.89 0.42 12.63
C ARG A 466 12.80 1.62 12.40
N THR A 467 12.29 2.83 12.71
CA THR A 467 13.01 4.12 12.66
C THR A 467 14.26 4.07 13.55
N GLY A 468 14.08 3.63 14.79
CA GLY A 468 15.15 3.46 15.78
C GLY A 468 16.14 2.41 15.38
N THR A 469 15.69 1.35 14.71
CA THR A 469 16.55 0.29 14.23
C THR A 469 17.47 0.80 13.14
N PHE A 470 16.89 1.41 12.09
CA PHE A 470 17.60 2.01 10.94
C PHE A 470 18.62 3.05 11.39
N ILE A 471 18.24 3.99 12.26
CA ILE A 471 19.15 5.03 12.76
C ILE A 471 20.33 4.42 13.52
N VAL A 472 20.08 3.39 14.40
CA VAL A 472 21.13 2.76 15.20
C VAL A 472 22.14 1.99 14.28
N ILE A 473 21.66 1.19 13.32
CA ILE A 473 22.52 0.52 12.37
C ILE A 473 23.34 1.57 11.67
N ASP A 474 22.70 2.63 11.18
CA ASP A 474 23.39 3.70 10.48
C ASP A 474 24.46 4.42 11.33
N ILE A 475 24.19 4.69 12.61
CA ILE A 475 25.18 5.34 13.49
C ILE A 475 26.41 4.42 13.65
N LEU A 476 26.16 3.12 13.89
CA LEU A 476 27.20 2.12 14.13
C LEU A 476 28.07 1.88 12.94
N ILE A 477 27.45 1.76 11.74
CA ILE A 477 28.15 1.54 10.48
C ILE A 477 29.07 2.72 10.19
N ASP A 478 28.58 3.93 10.48
CA ASP A 478 29.30 5.18 10.28
C ASP A 478 30.62 5.22 11.04
N ILE A 479 30.65 4.68 12.26
CA ILE A 479 31.86 4.63 13.10
C ILE A 479 32.92 3.77 12.39
N ILE A 480 32.49 2.63 11.82
CA ILE A 480 33.34 1.70 11.08
C ILE A 480 33.79 2.31 9.74
N ARG A 481 33.03 3.27 9.16
CA ARG A 481 33.39 3.98 7.91
C ARG A 481 34.59 4.90 8.11
N GLU A 482 34.51 5.80 9.12
CA GLU A 482 35.54 6.78 9.49
C GLU A 482 36.76 6.16 10.19
N LYS A 483 36.54 5.39 11.27
CA LYS A 483 37.60 4.78 12.08
C LYS A 483 38.12 3.42 11.58
N GLY A 484 37.31 2.69 10.83
CA GLY A 484 37.71 1.40 10.29
C GLY A 484 37.44 0.23 11.21
N VAL A 485 37.70 -1.00 10.72
CA VAL A 485 37.52 -2.28 11.45
C VAL A 485 38.21 -2.27 12.85
N ASP A 486 39.13 -1.30 13.10
CA ASP A 486 39.89 -1.07 14.34
C ASP A 486 39.29 0.05 15.18
N CYS A 487 38.02 -0.12 15.57
CA CYS A 487 37.29 0.86 16.35
C CYS A 487 36.45 0.18 17.42
N ASP A 488 36.07 0.93 18.44
CA ASP A 488 35.21 0.45 19.52
C ASP A 488 33.76 0.71 19.16
N ILE A 489 32.93 -0.32 19.32
CA ILE A 489 31.51 -0.26 19.12
C ILE A 489 30.85 -0.74 20.41
N ASP A 490 29.76 -0.04 20.79
CA ASP A 490 28.98 -0.28 21.99
C ASP A 490 27.47 -0.10 21.68
N VAL A 491 26.83 -1.19 21.23
CA VAL A 491 25.43 -1.25 20.80
C VAL A 491 24.44 -0.71 21.89
N PRO A 492 24.41 -1.23 23.16
CA PRO A 492 23.44 -0.68 24.15
C PRO A 492 23.72 0.76 24.58
N LYS A 493 25.02 1.16 24.67
CA LYS A 493 25.36 2.54 25.01
C LYS A 493 24.82 3.46 23.95
N THR A 494 24.94 3.03 22.70
CA THR A 494 24.45 3.79 21.53
C THR A 494 22.91 3.83 21.52
N ILE A 495 22.26 2.71 21.83
CA ILE A 495 20.81 2.67 21.87
C ILE A 495 20.31 3.62 22.96
N GLN A 496 20.88 3.51 24.18
CA GLN A 496 20.55 4.35 25.34
C GLN A 496 20.69 5.83 25.04
N MET A 497 21.73 6.20 24.29
CA MET A 497 22.01 7.56 23.81
C MET A 497 20.89 8.05 22.84
N VAL A 498 20.44 7.18 21.93
CA VAL A 498 19.41 7.58 20.95
C VAL A 498 18.02 7.62 21.62
N ARG A 499 17.79 6.73 22.62
CA ARG A 499 16.60 6.62 23.44
C ARG A 499 16.41 7.85 24.36
N SER A 500 17.49 8.58 24.68
CA SER A 500 17.39 9.79 25.51
CA SER A 500 17.45 9.80 25.50
C SER A 500 16.96 10.94 24.62
N GLN A 501 16.96 10.73 23.29
CA GLN A 501 16.56 11.77 22.35
C GLN A 501 15.12 11.57 21.78
N ARG A 502 14.55 10.37 21.85
CA ARG A 502 13.16 10.06 21.45
C ARG A 502 12.82 8.78 22.18
N SER A 503 11.64 8.73 22.77
CA SER A 503 11.24 7.58 23.56
C SER A 503 11.19 6.30 22.78
N GLY A 504 11.67 5.23 23.40
CA GLY A 504 11.62 3.86 22.91
C GLY A 504 12.24 3.57 21.57
N MET A 505 13.27 4.31 21.18
CA MET A 505 13.95 4.02 19.92
C MET A 505 14.59 2.62 20.06
N VAL A 506 14.26 1.71 19.12
CA VAL A 506 14.60 0.26 19.12
C VAL A 506 13.60 -0.37 20.10
N GLN A 507 12.55 -1.00 19.56
CA GLN A 507 11.41 -1.54 20.32
C GLN A 507 11.53 -2.96 20.89
N THR A 508 12.14 -3.89 20.14
CA THR A 508 12.13 -5.31 20.53
C THR A 508 13.51 -5.94 20.53
N GLU A 509 13.61 -7.15 21.12
CA GLU A 509 14.85 -7.94 21.21
C GLU A 509 15.23 -8.46 19.81
N ALA A 510 14.20 -8.70 18.95
CA ALA A 510 14.38 -9.12 17.54
C ALA A 510 15.14 -8.03 16.76
N GLN A 511 14.77 -6.77 16.97
CA GLN A 511 15.41 -5.60 16.35
C GLN A 511 16.82 -5.42 16.88
N TYR A 512 16.98 -5.63 18.18
CA TYR A 512 18.25 -5.53 18.90
C TYR A 512 19.26 -6.52 18.37
N ARG A 513 18.82 -7.78 18.19
CA ARG A 513 19.57 -8.86 17.59
C ARG A 513 19.84 -8.53 16.10
N PHE A 514 18.86 -7.89 15.40
CA PHE A 514 19.02 -7.49 14.00
C PHE A 514 20.14 -6.46 13.81
N ILE A 515 20.25 -5.49 14.74
CA ILE A 515 21.31 -4.48 14.77
C ILE A 515 22.68 -5.19 14.87
N TYR A 516 22.85 -6.17 15.78
CA TYR A 516 24.14 -6.90 15.91
C TYR A 516 24.50 -7.64 14.64
N MET A 517 23.50 -8.34 14.02
CA MET A 517 23.60 -9.10 12.78
C MET A 517 23.93 -8.21 11.59
N ALA A 518 23.31 -7.00 11.53
CA ALA A 518 23.54 -6.02 10.46
C ALA A 518 25.00 -5.59 10.50
N VAL A 519 25.48 -5.17 11.70
CA VAL A 519 26.85 -4.76 12.01
C VAL A 519 27.83 -5.92 11.68
N GLN A 520 27.48 -7.16 12.04
CA GLN A 520 28.28 -8.37 11.79
C GLN A 520 28.52 -8.55 10.28
N HIS A 521 27.44 -8.44 9.50
CA HIS A 521 27.40 -8.54 8.05
C HIS A 521 28.22 -7.42 7.38
N TYR A 522 28.06 -6.15 7.83
CA TYR A 522 28.82 -5.02 7.24
C TYR A 522 30.33 -5.21 7.31
N ILE A 523 30.82 -5.68 8.50
CA ILE A 523 32.23 -5.94 8.84
C ILE A 523 32.73 -7.18 8.07
N GLU A 524 31.90 -8.24 7.94
CA GLU A 524 32.26 -9.45 7.18
C GLU A 524 32.43 -9.09 5.69
N THR A 525 31.44 -8.41 5.06
CA THR A 525 31.51 -8.02 3.64
C THR A 525 32.55 -6.91 3.33
N LEU A 526 33.48 -6.68 4.26
CA LEU A 526 34.57 -5.71 4.12
C LEU A 526 35.82 -6.42 3.56
N ARG B 5 -18.15 1.99 -37.58
CA ARG B 5 -17.52 2.99 -36.72
C ARG B 5 -16.49 3.83 -37.48
N ARG B 6 -16.70 4.00 -38.80
CA ARG B 6 -15.81 4.75 -39.68
C ARG B 6 -15.79 6.26 -39.36
N TRP B 7 -16.84 6.77 -38.67
CA TRP B 7 -16.94 8.16 -38.26
C TRP B 7 -15.87 8.53 -37.20
N PHE B 8 -15.23 7.56 -36.54
CA PHE B 8 -14.19 7.92 -35.56
C PHE B 8 -12.81 8.02 -36.20
N HIS B 9 -12.25 9.25 -36.23
CA HIS B 9 -10.92 9.53 -36.79
C HIS B 9 -9.89 9.57 -35.63
N PRO B 10 -8.99 8.55 -35.53
CA PRO B 10 -8.09 8.47 -34.37
C PRO B 10 -6.89 9.41 -34.30
N ASN B 11 -6.37 9.85 -35.45
CA ASN B 11 -5.13 10.63 -35.51
C ASN B 11 -5.28 12.08 -35.97
N ILE B 12 -6.51 12.50 -36.24
CA ILE B 12 -6.81 13.82 -36.78
C ILE B 12 -6.85 14.93 -35.70
N THR B 13 -6.43 16.15 -36.10
CA THR B 13 -6.48 17.35 -35.25
C THR B 13 -7.77 18.13 -35.57
N GLY B 14 -8.06 19.16 -34.79
CA GLY B 14 -9.20 20.05 -34.95
C GLY B 14 -9.24 20.72 -36.31
N VAL B 15 -8.12 21.36 -36.72
CA VAL B 15 -7.97 22.05 -38.01
C VAL B 15 -8.20 21.04 -39.15
N GLU B 16 -7.58 19.85 -39.06
CA GLU B 16 -7.70 18.76 -40.01
C GLU B 16 -9.17 18.29 -40.13
N ALA B 17 -9.89 18.18 -39.00
CA ALA B 17 -11.29 17.75 -38.95
C ALA B 17 -12.17 18.79 -39.63
N GLU B 18 -11.93 20.07 -39.31
CA GLU B 18 -12.60 21.25 -39.83
C GLU B 18 -12.50 21.34 -41.37
N ASN B 19 -11.26 21.25 -41.93
CA ASN B 19 -11.05 21.34 -43.38
CA ASN B 19 -11.02 21.32 -43.38
C ASN B 19 -11.68 20.15 -44.10
N LEU B 20 -11.61 18.95 -43.49
CA LEU B 20 -12.16 17.68 -43.99
C LEU B 20 -13.69 17.80 -44.08
N LEU B 21 -14.34 18.33 -43.03
CA LEU B 21 -15.80 18.51 -43.01
C LEU B 21 -16.28 19.52 -44.05
N LEU B 22 -15.46 20.56 -44.31
CA LEU B 22 -15.78 21.63 -45.25
C LEU B 22 -15.49 21.25 -46.70
N THR B 23 -14.47 20.41 -46.95
CA THR B 23 -14.11 19.98 -48.29
C THR B 23 -14.78 18.67 -48.72
N ARG B 24 -14.80 17.64 -47.84
CA ARG B 24 -15.32 16.30 -48.14
C ARG B 24 -16.74 16.02 -47.60
N GLY B 25 -17.24 16.90 -46.73
CA GLY B 25 -18.57 16.78 -46.14
C GLY B 25 -19.53 17.90 -46.49
N VAL B 26 -20.78 17.75 -46.02
CA VAL B 26 -21.91 18.68 -46.23
C VAL B 26 -22.50 19.14 -44.88
N ASP B 27 -23.56 19.97 -44.90
CA ASP B 27 -24.25 20.39 -43.66
C ASP B 27 -24.99 19.16 -43.14
N GLY B 28 -24.70 18.78 -41.89
CA GLY B 28 -25.24 17.57 -41.27
C GLY B 28 -24.17 16.50 -41.14
N SER B 29 -23.01 16.71 -41.82
CA SER B 29 -21.84 15.83 -41.75
C SER B 29 -21.14 15.93 -40.39
N PHE B 30 -20.71 14.78 -39.84
CA PHE B 30 -20.05 14.75 -38.52
C PHE B 30 -18.97 13.68 -38.47
N LEU B 31 -18.10 13.80 -37.44
CA LEU B 31 -17.05 12.87 -37.07
C LEU B 31 -16.67 13.06 -35.59
N ALA B 32 -16.07 12.03 -34.98
CA ALA B 32 -15.58 12.08 -33.60
C ALA B 32 -14.09 11.79 -33.62
N ARG B 33 -13.36 12.31 -32.65
CA ARG B 33 -11.91 12.18 -32.58
C ARG B 33 -11.39 12.38 -31.16
N PRO B 34 -10.17 11.90 -30.80
CA PRO B 34 -9.64 12.22 -29.46
C PRO B 34 -9.39 13.73 -29.36
N SER B 35 -9.56 14.29 -28.16
CA SER B 35 -9.28 15.70 -27.90
C SER B 35 -7.75 15.88 -27.79
N LYS B 36 -7.19 16.88 -28.50
CA LYS B 36 -5.75 17.16 -28.49
C LYS B 36 -5.36 18.06 -27.29
N SER B 37 -6.22 19.03 -26.95
CA SER B 37 -6.03 19.93 -25.81
C SER B 37 -6.25 19.20 -24.47
N ASN B 38 -7.26 18.31 -24.42
CA ASN B 38 -7.56 17.54 -23.20
C ASN B 38 -7.38 16.03 -23.41
N PRO B 39 -6.15 15.50 -23.25
CA PRO B 39 -5.94 14.05 -23.46
C PRO B 39 -6.82 13.20 -22.55
N GLY B 40 -7.45 12.19 -23.14
CA GLY B 40 -8.41 11.33 -22.45
C GLY B 40 -9.84 11.67 -22.81
N ASP B 41 -10.12 12.93 -23.18
CA ASP B 41 -11.43 13.44 -23.61
C ASP B 41 -11.63 13.26 -25.15
N PHE B 42 -12.86 13.52 -25.65
CA PHE B 42 -13.20 13.37 -27.07
C PHE B 42 -13.94 14.59 -27.59
N THR B 43 -13.96 14.75 -28.92
CA THR B 43 -14.62 15.86 -29.59
C THR B 43 -15.47 15.37 -30.76
N LEU B 44 -16.74 15.81 -30.78
CA LEU B 44 -17.71 15.60 -31.85
C LEU B 44 -17.65 16.85 -32.74
N SER B 45 -17.07 16.72 -33.95
CA SER B 45 -16.96 17.84 -34.92
C SER B 45 -18.12 17.72 -35.90
N VAL B 46 -19.05 18.67 -35.90
CA VAL B 46 -20.25 18.65 -36.74
C VAL B 46 -20.30 19.84 -37.70
N ARG B 47 -20.52 19.58 -39.02
CA ARG B 47 -20.71 20.63 -40.00
C ARG B 47 -22.20 21.03 -40.01
N ARG B 48 -22.47 22.34 -39.85
CA ARG B 48 -23.80 22.95 -39.83
C ARG B 48 -23.71 24.41 -40.34
N ASN B 49 -24.65 24.82 -41.22
CA ASN B 49 -24.69 26.15 -41.86
C ASN B 49 -23.32 26.56 -42.46
N GLY B 50 -22.73 25.65 -43.24
CA GLY B 50 -21.43 25.83 -43.89
C GLY B 50 -20.26 26.06 -42.95
N ALA B 51 -20.44 25.80 -41.66
CA ALA B 51 -19.43 25.96 -40.61
C ALA B 51 -19.24 24.70 -39.75
N VAL B 52 -18.09 24.60 -39.08
CA VAL B 52 -17.75 23.46 -38.22
C VAL B 52 -17.74 23.86 -36.73
N THR B 53 -18.48 23.09 -35.92
CA THR B 53 -18.57 23.26 -34.46
C THR B 53 -18.06 21.98 -33.77
N HIS B 54 -17.25 22.17 -32.70
CA HIS B 54 -16.58 21.13 -31.95
C HIS B 54 -17.21 20.99 -30.57
N ILE B 55 -17.89 19.85 -30.33
CA ILE B 55 -18.58 19.56 -29.08
C ILE B 55 -17.79 18.57 -28.26
N LYS B 56 -17.37 19.03 -27.09
CA LYS B 56 -16.59 18.25 -26.13
C LYS B 56 -17.41 17.09 -25.56
N ILE B 57 -16.74 15.96 -25.34
CA ILE B 57 -17.25 14.78 -24.68
C ILE B 57 -16.19 14.49 -23.62
N GLN B 58 -16.59 14.44 -22.36
CA GLN B 58 -15.65 14.12 -21.30
C GLN B 58 -15.83 12.69 -20.87
N ASN B 59 -14.74 12.06 -20.45
CA ASN B 59 -14.78 10.73 -19.86
C ASN B 59 -13.79 10.69 -18.73
N THR B 60 -14.31 10.97 -17.52
CA THR B 60 -13.49 10.97 -16.30
C THR B 60 -13.29 9.55 -15.74
N GLY B 61 -14.06 8.57 -16.30
CA GLY B 61 -14.00 7.18 -15.89
C GLY B 61 -15.34 6.50 -15.64
N ASP B 62 -16.47 7.26 -15.69
CA ASP B 62 -17.80 6.71 -15.40
C ASP B 62 -18.73 6.60 -16.59
N TYR B 63 -18.62 7.55 -17.52
CA TYR B 63 -19.48 7.65 -18.71
C TYR B 63 -18.89 8.70 -19.63
N TYR B 64 -19.46 8.80 -20.80
CA TYR B 64 -19.16 9.78 -21.83
C TYR B 64 -20.18 10.90 -21.60
N ASP B 65 -19.71 12.06 -21.17
CA ASP B 65 -20.53 13.23 -20.87
C ASP B 65 -20.36 14.25 -21.98
N LEU B 66 -21.30 14.26 -22.91
CA LEU B 66 -21.31 15.16 -24.06
C LEU B 66 -21.77 16.57 -23.62
N TYR B 67 -20.94 17.62 -23.84
CA TYR B 67 -21.27 18.98 -23.39
C TYR B 67 -22.58 19.47 -23.97
N GLY B 68 -23.50 19.79 -23.07
CA GLY B 68 -24.85 20.25 -23.39
C GLY B 68 -25.78 19.15 -23.85
N GLY B 69 -25.29 17.90 -23.84
CA GLY B 69 -26.03 16.71 -24.25
C GLY B 69 -26.24 15.72 -23.13
N GLU B 70 -26.38 14.43 -23.47
CA GLU B 70 -26.64 13.40 -22.47
C GLU B 70 -25.37 12.57 -22.10
N LYS B 71 -25.51 11.65 -21.13
CA LYS B 71 -24.46 10.73 -20.68
C LYS B 71 -24.60 9.39 -21.37
N PHE B 72 -23.51 8.84 -21.86
CA PHE B 72 -23.54 7.62 -22.64
C PHE B 72 -22.50 6.58 -22.24
N ALA B 73 -22.81 5.30 -22.52
CA ALA B 73 -21.95 4.16 -22.23
C ALA B 73 -20.80 3.98 -23.22
N THR B 74 -21.02 4.29 -24.50
CA THR B 74 -20.00 4.20 -25.57
C THR B 74 -20.23 5.36 -26.56
N LEU B 75 -19.22 5.65 -27.41
CA LEU B 75 -19.37 6.68 -28.45
C LEU B 75 -20.34 6.22 -29.53
N ALA B 76 -20.37 4.89 -29.80
CA ALA B 76 -21.22 4.26 -30.80
C ALA B 76 -22.69 4.44 -30.45
N GLU B 77 -23.05 4.31 -29.14
CA GLU B 77 -24.39 4.49 -28.60
C GLU B 77 -24.80 5.96 -28.61
N LEU B 78 -23.85 6.87 -28.35
CA LEU B 78 -24.11 8.33 -28.37
C LEU B 78 -24.57 8.72 -29.79
N VAL B 79 -23.75 8.37 -30.78
CA VAL B 79 -23.98 8.64 -32.20
C VAL B 79 -25.29 7.99 -32.67
N GLN B 80 -25.50 6.68 -32.37
CA GLN B 80 -26.74 6.00 -32.77
C GLN B 80 -27.98 6.73 -32.20
N TYR B 81 -27.92 7.13 -30.90
CA TYR B 81 -28.98 7.86 -30.20
C TYR B 81 -29.34 9.19 -30.90
N TYR B 82 -28.32 9.97 -31.32
CA TYR B 82 -28.58 11.25 -31.99
C TYR B 82 -28.93 11.06 -33.47
N MET B 83 -28.60 9.89 -34.05
CA MET B 83 -28.88 9.60 -35.46
C MET B 83 -30.25 8.96 -35.71
N GLU B 84 -31.04 8.70 -34.64
CA GLU B 84 -32.32 8.00 -34.74
C GLU B 84 -33.47 8.78 -34.11
N GLN B 88 -32.84 14.85 -28.83
CA GLN B 88 -32.36 15.85 -29.79
C GLN B 88 -31.17 16.59 -29.21
N LEU B 89 -30.19 16.94 -30.06
CA LEU B 89 -28.95 17.63 -29.68
C LEU B 89 -29.05 19.15 -29.86
N LYS B 90 -28.45 19.91 -28.92
CA LYS B 90 -28.40 21.39 -28.90
C LYS B 90 -27.07 21.84 -28.29
N ILE B 97 -28.92 21.11 -33.67
CA ILE B 97 -27.74 20.55 -34.32
C ILE B 97 -27.99 19.06 -34.64
N GLU B 98 -27.85 18.69 -35.92
CA GLU B 98 -28.15 17.36 -36.44
C GLU B 98 -26.93 16.54 -36.92
N LEU B 99 -26.83 15.26 -36.49
CA LEU B 99 -25.83 14.29 -36.95
C LEU B 99 -26.60 13.47 -38.00
N LYS B 100 -26.31 13.69 -39.30
CA LYS B 100 -26.98 13.01 -40.40
C LYS B 100 -25.99 12.21 -41.25
N TYR B 101 -24.83 12.78 -41.54
CA TYR B 101 -23.85 12.17 -42.44
C TYR B 101 -22.50 11.85 -41.79
N PRO B 102 -22.23 10.57 -41.43
CA PRO B 102 -20.90 10.24 -40.90
C PRO B 102 -19.85 10.46 -41.98
N LEU B 103 -18.73 11.12 -41.61
CA LEU B 103 -17.60 11.37 -42.51
C LEU B 103 -16.61 10.27 -42.19
N ASN B 104 -16.51 9.28 -43.09
CA ASN B 104 -15.70 8.07 -42.90
C ASN B 104 -14.21 8.31 -42.96
N CYS B 105 -13.52 7.64 -42.06
CA CYS B 105 -12.08 7.67 -41.88
C CYS B 105 -11.43 6.64 -42.80
N ALA B 106 -10.35 7.02 -43.49
CA ALA B 106 -9.63 6.13 -44.40
C ALA B 106 -8.37 5.49 -43.77
N ASP B 107 -8.01 5.91 -42.54
CA ASP B 107 -6.85 5.46 -41.78
C ASP B 107 -7.05 4.02 -41.25
N PRO B 108 -6.15 3.06 -41.54
CA PRO B 108 -6.37 1.70 -41.04
C PRO B 108 -5.74 1.42 -39.67
N THR B 109 -5.17 2.44 -38.99
CA THR B 109 -4.47 2.33 -37.70
C THR B 109 -5.18 1.55 -36.60
N SER B 110 -6.50 1.71 -36.44
CA SER B 110 -7.28 1.01 -35.40
C SER B 110 -8.02 -0.27 -35.85
N GLU B 111 -7.63 -0.81 -37.03
CA GLU B 111 -8.19 -2.03 -37.56
C GLU B 111 -7.39 -3.16 -36.93
N ARG B 112 -8.11 -4.24 -36.50
CA ARG B 112 -7.57 -5.43 -35.88
C ARG B 112 -6.44 -6.07 -36.69
N TRP B 113 -6.60 -6.07 -38.02
CA TRP B 113 -5.69 -6.67 -39.00
C TRP B 113 -4.52 -5.79 -39.46
N PHE B 114 -4.48 -4.49 -39.09
CA PHE B 114 -3.39 -3.62 -39.52
C PHE B 114 -2.16 -3.70 -38.61
N HIS B 115 -0.98 -3.97 -39.19
CA HIS B 115 0.25 -4.11 -38.42
C HIS B 115 1.36 -3.11 -38.79
N GLY B 116 1.02 -2.13 -39.60
CA GLY B 116 1.93 -1.09 -40.08
C GLY B 116 3.32 -1.58 -40.43
N HIS B 117 4.29 -1.25 -39.57
CA HIS B 117 5.68 -1.64 -39.76
C HIS B 117 5.89 -3.10 -39.37
N LEU B 118 5.95 -3.98 -40.38
CA LEU B 118 6.12 -5.42 -40.18
C LEU B 118 6.73 -6.02 -41.44
N SER B 119 7.90 -6.66 -41.29
CA SER B 119 8.61 -7.29 -42.42
C SER B 119 7.96 -8.63 -42.76
N GLY B 120 8.15 -9.05 -44.01
CA GLY B 120 7.60 -10.29 -44.58
C GLY B 120 7.91 -11.55 -43.83
N LYS B 121 9.16 -11.65 -43.31
CA LYS B 121 9.62 -12.82 -42.54
C LYS B 121 8.93 -12.87 -41.18
N GLU B 122 9.05 -11.78 -40.37
CA GLU B 122 8.44 -11.70 -39.04
C GLU B 122 6.90 -11.85 -39.08
N ALA B 123 6.24 -11.43 -40.19
CA ALA B 123 4.81 -11.57 -40.43
C ALA B 123 4.44 -13.04 -40.60
N GLU B 124 5.39 -13.85 -41.13
CA GLU B 124 5.25 -15.30 -41.38
C GLU B 124 5.47 -16.11 -40.10
N LYS B 125 6.41 -15.66 -39.24
CA LYS B 125 6.70 -16.32 -37.95
C LYS B 125 5.43 -16.18 -37.09
N LEU B 126 4.88 -14.94 -37.03
CA LEU B 126 3.63 -14.61 -36.32
C LEU B 126 2.50 -15.49 -36.85
N LEU B 127 2.30 -15.50 -38.20
CA LEU B 127 1.26 -16.30 -38.85
C LEU B 127 1.44 -17.81 -38.67
N THR B 128 2.69 -18.30 -38.47
CA THR B 128 2.89 -19.75 -38.26
C THR B 128 2.64 -20.12 -36.79
N GLU B 129 3.16 -19.31 -35.84
CA GLU B 129 3.01 -19.51 -34.39
C GLU B 129 1.57 -19.30 -33.95
N LYS B 130 1.06 -18.07 -34.13
CA LYS B 130 -0.27 -17.62 -33.69
C LYS B 130 -1.45 -18.03 -34.60
N GLY B 131 -1.30 -17.86 -35.91
CA GLY B 131 -2.35 -18.10 -36.90
C GLY B 131 -2.90 -19.51 -37.04
N LYS B 132 -4.03 -19.59 -37.73
CA LYS B 132 -4.78 -20.79 -38.13
C LYS B 132 -5.38 -20.49 -39.54
N HIS B 133 -6.12 -21.43 -40.14
CA HIS B 133 -6.74 -21.21 -41.46
C HIS B 133 -7.70 -19.99 -41.41
N GLY B 134 -7.38 -18.97 -42.22
CA GLY B 134 -8.16 -17.75 -42.31
C GLY B 134 -7.53 -16.52 -41.67
N SER B 135 -6.46 -16.73 -40.88
CA SER B 135 -5.76 -15.64 -40.19
C SER B 135 -5.07 -14.73 -41.18
N PHE B 136 -5.30 -13.44 -41.02
CA PHE B 136 -4.69 -12.49 -41.93
C PHE B 136 -4.21 -11.23 -41.23
N LEU B 137 -3.41 -10.44 -41.96
CA LEU B 137 -2.87 -9.17 -41.56
C LEU B 137 -2.60 -8.37 -42.83
N VAL B 138 -2.48 -7.04 -42.69
CA VAL B 138 -2.12 -6.09 -43.73
C VAL B 138 -0.98 -5.27 -43.13
N ARG B 139 0.17 -5.28 -43.81
CA ARG B 139 1.40 -4.59 -43.37
C ARG B 139 1.91 -3.64 -44.45
N GLU B 140 2.82 -2.73 -44.08
CA GLU B 140 3.46 -1.80 -45.00
C GLU B 140 4.63 -2.52 -45.65
N PRO B 145 7.35 1.14 -49.96
CA PRO B 145 7.59 2.59 -50.08
C PRO B 145 6.31 3.38 -50.31
N GLY B 146 5.22 2.90 -49.71
CA GLY B 146 3.88 3.46 -49.80
C GLY B 146 2.86 2.39 -50.15
N ASP B 147 3.35 1.20 -50.55
CA ASP B 147 2.55 0.03 -50.90
C ASP B 147 2.33 -0.92 -49.69
N PHE B 148 1.28 -1.75 -49.77
CA PHE B 148 0.92 -2.63 -48.68
C PHE B 148 0.97 -4.11 -49.07
N VAL B 149 0.92 -5.01 -48.07
CA VAL B 149 0.94 -6.46 -48.29
C VAL B 149 -0.10 -7.10 -47.39
N LEU B 150 -0.93 -7.98 -47.95
CA LEU B 150 -1.91 -8.74 -47.20
C LEU B 150 -1.35 -10.16 -47.12
N SER B 151 -1.15 -10.66 -45.89
CA SER B 151 -0.63 -12.00 -45.67
C SER B 151 -1.71 -12.84 -44.99
N VAL B 152 -2.00 -14.02 -45.58
CA VAL B 152 -3.08 -14.94 -45.18
C VAL B 152 -2.53 -16.35 -44.98
N ARG B 153 -3.03 -17.05 -43.94
CA ARG B 153 -2.72 -18.43 -43.63
C ARG B 153 -3.95 -19.25 -44.09
N THR B 154 -3.74 -20.35 -44.83
CA THR B 154 -4.84 -21.19 -45.33
C THR B 154 -4.63 -22.67 -45.03
N SER B 166 -0.76 -26.68 -44.59
CA SER B 166 -1.01 -25.26 -44.35
C SER B 166 0.13 -24.38 -44.84
N LYS B 167 -0.20 -23.17 -45.34
CA LYS B 167 0.74 -22.20 -45.91
C LYS B 167 0.41 -20.73 -45.64
N VAL B 168 1.36 -19.83 -45.93
CA VAL B 168 1.22 -18.39 -45.80
C VAL B 168 1.35 -17.78 -47.23
N THR B 169 0.30 -17.09 -47.71
CA THR B 169 0.27 -16.43 -49.02
C THR B 169 0.34 -14.93 -48.85
N HIS B 170 1.13 -14.27 -49.70
CA HIS B 170 1.27 -12.82 -49.71
C HIS B 170 0.62 -12.23 -50.95
N VAL B 171 -0.16 -11.17 -50.75
CA VAL B 171 -0.89 -10.46 -51.80
C VAL B 171 -0.48 -8.99 -51.73
N MET B 172 0.24 -8.52 -52.74
CA MET B 172 0.69 -7.13 -52.80
C MET B 172 -0.50 -6.23 -53.07
N ILE B 173 -0.56 -5.14 -52.30
CA ILE B 173 -1.58 -4.12 -52.42
C ILE B 173 -0.85 -2.89 -52.88
N ARG B 174 -1.23 -2.34 -54.02
CA ARG B 174 -0.55 -1.15 -54.49
C ARG B 174 -1.36 0.08 -54.22
N CYS B 175 -0.67 1.14 -53.79
CA CYS B 175 -1.32 2.41 -53.53
C CYS B 175 -1.05 3.28 -54.75
N GLN B 176 -2.12 3.53 -55.53
CA GLN B 176 -2.04 4.33 -56.76
C GLN B 176 -3.02 5.49 -56.66
N GLU B 177 -2.50 6.73 -56.68
CA GLU B 177 -3.28 7.99 -56.61
C GLU B 177 -4.38 7.97 -55.51
N LEU B 178 -3.96 7.64 -54.26
CA LEU B 178 -4.79 7.52 -53.05
C LEU B 178 -5.93 6.47 -53.18
N LYS B 179 -5.66 5.42 -53.98
CA LYS B 179 -6.56 4.29 -54.20
C LYS B 179 -5.78 2.99 -54.05
N TYR B 180 -6.43 1.95 -53.51
CA TYR B 180 -5.80 0.65 -53.24
C TYR B 180 -6.34 -0.48 -54.10
N ASP B 181 -5.43 -1.30 -54.66
CA ASP B 181 -5.81 -2.44 -55.49
C ASP B 181 -4.85 -3.66 -55.36
N VAL B 182 -5.34 -4.86 -55.68
CA VAL B 182 -4.52 -6.09 -55.63
C VAL B 182 -3.89 -6.46 -57.02
N GLY B 183 -3.69 -5.44 -57.86
CA GLY B 183 -3.09 -5.60 -59.19
C GLY B 183 -4.05 -5.43 -60.33
N GLY B 184 -5.32 -5.76 -60.10
CA GLY B 184 -6.37 -5.68 -61.10
C GLY B 184 -7.75 -5.54 -60.50
N GLY B 185 -8.71 -5.19 -61.35
CA GLY B 185 -10.11 -4.99 -60.98
C GLY B 185 -10.36 -3.66 -60.33
N GLU B 186 -11.12 -3.68 -59.22
CA GLU B 186 -11.51 -2.50 -58.45
C GLU B 186 -10.38 -1.78 -57.75
N ARG B 187 -10.52 -0.45 -57.60
CA ARG B 187 -9.60 0.45 -56.89
C ARG B 187 -10.40 1.06 -55.72
N PHE B 188 -9.99 0.74 -54.49
CA PHE B 188 -10.67 1.11 -53.23
C PHE B 188 -10.19 2.41 -52.61
N ASP B 189 -11.11 3.12 -51.92
CA ASP B 189 -10.87 4.40 -51.24
C ASP B 189 -9.82 4.32 -50.12
N SER B 190 -9.77 3.15 -49.44
CA SER B 190 -8.93 2.84 -48.29
C SER B 190 -8.69 1.31 -48.20
N LEU B 191 -7.80 0.84 -47.28
CA LEU B 191 -7.51 -0.58 -47.06
C LEU B 191 -8.73 -1.31 -46.48
N THR B 192 -9.48 -0.65 -45.59
CA THR B 192 -10.69 -1.20 -44.99
C THR B 192 -11.66 -1.65 -46.07
N ASP B 193 -11.96 -0.78 -47.06
CA ASP B 193 -12.87 -1.11 -48.18
C ASP B 193 -12.35 -2.32 -48.94
N LEU B 194 -11.04 -2.33 -49.26
CA LEU B 194 -10.36 -3.42 -49.97
C LEU B 194 -10.48 -4.74 -49.16
N VAL B 195 -10.17 -4.71 -47.84
CA VAL B 195 -10.25 -5.88 -46.95
C VAL B 195 -11.68 -6.36 -46.85
N GLU B 196 -12.64 -5.42 -46.68
CA GLU B 196 -14.08 -5.69 -46.60
C GLU B 196 -14.58 -6.45 -47.82
N HIS B 197 -14.20 -5.95 -49.01
CA HIS B 197 -14.53 -6.54 -50.31
C HIS B 197 -13.98 -7.95 -50.46
N TYR B 198 -12.67 -8.16 -50.16
CA TYR B 198 -12.02 -9.47 -50.28
C TYR B 198 -12.39 -10.42 -49.13
N LYS B 199 -13.03 -9.89 -48.04
CA LYS B 199 -13.57 -10.72 -46.95
C LYS B 199 -14.86 -11.39 -47.43
N LYS B 200 -15.74 -10.62 -48.11
CA LYS B 200 -17.03 -11.05 -48.66
C LYS B 200 -16.84 -11.86 -49.95
N ASN B 201 -15.96 -11.35 -50.84
CA ASN B 201 -15.62 -11.94 -52.14
C ASN B 201 -14.14 -12.38 -52.13
N PRO B 202 -13.81 -13.54 -51.52
CA PRO B 202 -12.40 -13.95 -51.43
C PRO B 202 -11.72 -14.18 -52.77
N MET B 203 -10.42 -13.84 -52.82
CA MET B 203 -9.54 -14.04 -53.96
C MET B 203 -9.31 -15.54 -54.11
N VAL B 204 -9.44 -16.06 -55.33
CA VAL B 204 -9.21 -17.49 -55.60
C VAL B 204 -7.91 -17.65 -56.39
N GLU B 205 -7.04 -18.55 -55.92
CA GLU B 205 -5.76 -18.85 -56.56
C GLU B 205 -6.00 -19.68 -57.82
N THR B 206 -5.03 -19.61 -58.77
CA THR B 206 -5.08 -20.29 -60.08
C THR B 206 -5.41 -21.77 -59.92
N LEU B 207 -4.73 -22.47 -58.99
CA LEU B 207 -4.97 -23.87 -58.71
C LEU B 207 -6.20 -24.17 -57.81
N GLY B 208 -6.88 -23.12 -57.32
CA GLY B 208 -8.09 -23.29 -56.52
C GLY B 208 -8.05 -22.88 -55.05
N THR B 209 -6.88 -22.51 -54.52
CA THR B 209 -6.79 -22.08 -53.12
C THR B 209 -7.58 -20.77 -52.89
N VAL B 210 -8.67 -20.88 -52.12
CA VAL B 210 -9.51 -19.71 -51.81
C VAL B 210 -8.83 -18.99 -50.62
N LEU B 211 -8.37 -17.76 -50.86
CA LEU B 211 -7.68 -16.95 -49.86
C LEU B 211 -8.69 -16.28 -48.94
N GLN B 212 -9.31 -17.09 -48.05
CA GLN B 212 -10.34 -16.65 -47.11
C GLN B 212 -9.78 -15.89 -45.94
N LEU B 213 -10.25 -14.64 -45.77
CA LEU B 213 -9.85 -13.72 -44.71
C LEU B 213 -10.84 -13.91 -43.54
N LYS B 214 -10.85 -15.12 -42.95
CA LYS B 214 -11.73 -15.51 -41.85
C LYS B 214 -11.64 -14.60 -40.63
N GLN B 215 -10.43 -14.44 -40.06
CA GLN B 215 -10.26 -13.63 -38.87
C GLN B 215 -8.88 -12.94 -38.79
N PRO B 216 -8.78 -11.68 -38.29
CA PRO B 216 -7.44 -11.06 -38.14
C PRO B 216 -6.54 -11.85 -37.20
N LEU B 217 -5.20 -11.82 -37.43
CA LEU B 217 -4.22 -12.52 -36.60
C LEU B 217 -4.25 -11.98 -35.14
N ASN B 218 -4.27 -12.89 -34.15
CA ASN B 218 -4.29 -12.52 -32.75
C ASN B 218 -2.90 -12.24 -32.17
N THR B 219 -2.59 -10.94 -31.92
CA THR B 219 -1.32 -10.50 -31.36
C THR B 219 -1.41 -10.09 -29.86
N THR B 220 -2.63 -9.96 -29.32
CA THR B 220 -2.87 -9.50 -27.95
C THR B 220 -2.80 -10.63 -26.90
N ARG B 221 -3.14 -11.87 -27.27
CA ARG B 221 -3.06 -12.99 -26.33
C ARG B 221 -1.59 -13.24 -25.95
N ILE B 222 -1.31 -13.33 -24.65
CA ILE B 222 0.05 -13.56 -24.16
C ILE B 222 0.06 -14.66 -23.12
N ASN B 223 1.23 -15.24 -22.86
CA ASN B 223 1.35 -16.19 -21.77
C ASN B 223 1.51 -15.29 -20.52
N ALA B 224 0.90 -15.69 -19.38
CA ALA B 224 0.92 -14.90 -18.15
C ALA B 224 2.31 -14.52 -17.68
N ALA B 225 3.31 -15.41 -17.90
CA ALA B 225 4.70 -15.19 -17.49
C ALA B 225 5.38 -13.99 -18.18
N GLU B 226 4.95 -13.64 -19.42
CA GLU B 226 5.50 -12.52 -20.22
C GLU B 226 4.67 -11.21 -20.15
N ILE B 227 3.98 -10.97 -19.01
CA ILE B 227 3.16 -9.76 -18.79
C ILE B 227 4.05 -8.50 -18.74
N GLU B 228 5.13 -8.51 -17.90
CA GLU B 228 6.07 -7.38 -17.74
C GLU B 228 6.61 -6.94 -19.10
N SER B 229 7.00 -7.95 -19.93
CA SER B 229 7.52 -7.78 -21.29
C SER B 229 6.52 -6.97 -22.16
N ARG B 230 5.23 -7.36 -22.15
CA ARG B 230 4.16 -6.68 -22.91
C ARG B 230 3.81 -5.33 -22.31
N VAL B 231 3.84 -5.19 -20.97
CA VAL B 231 3.55 -3.91 -20.29
C VAL B 231 4.62 -2.86 -20.70
N ARG B 232 5.90 -3.31 -20.83
CA ARG B 232 7.04 -2.50 -21.27
C ARG B 232 6.89 -2.16 -22.76
N GLU B 233 6.51 -3.17 -23.62
CA GLU B 233 6.25 -2.99 -25.05
C GLU B 233 5.12 -1.97 -25.27
N LEU B 234 4.05 -2.02 -24.42
CA LEU B 234 2.92 -1.09 -24.51
C LEU B 234 3.18 0.27 -23.86
N SER B 235 4.21 0.38 -23.00
CA SER B 235 4.54 1.67 -22.37
C SER B 235 5.45 2.47 -23.31
N LYS B 236 6.08 1.76 -24.28
CA LYS B 236 6.96 2.31 -25.32
C LYS B 236 6.14 3.11 -26.34
N GLN B 246 1.43 6.06 -26.89
CA GLN B 246 1.88 4.73 -26.45
C GLN B 246 1.12 3.56 -27.12
N GLY B 247 1.66 2.35 -26.94
CA GLY B 247 1.04 1.11 -27.40
C GLY B 247 -0.24 0.82 -26.64
N PHE B 248 -0.36 1.35 -25.39
CA PHE B 248 -1.56 1.17 -24.55
C PHE B 248 -2.79 1.83 -25.17
N TRP B 249 -2.62 3.09 -25.66
CA TRP B 249 -3.65 3.89 -26.36
C TRP B 249 -4.04 3.18 -27.69
N GLU B 250 -3.04 2.71 -28.46
CA GLU B 250 -3.17 2.00 -29.74
C GLU B 250 -4.05 0.75 -29.58
N GLU B 251 -3.72 -0.11 -28.60
CA GLU B 251 -4.45 -1.34 -28.32
C GLU B 251 -5.88 -1.00 -27.87
N PHE B 252 -6.01 0.04 -27.04
CA PHE B 252 -7.30 0.48 -26.49
C PHE B 252 -8.24 0.94 -27.59
N GLU B 253 -7.72 1.81 -28.48
CA GLU B 253 -8.50 2.36 -29.58
C GLU B 253 -8.85 1.32 -30.63
N THR B 254 -8.06 0.23 -30.76
CA THR B 254 -8.36 -0.90 -31.66
C THR B 254 -9.56 -1.66 -31.06
N LEU B 255 -9.57 -1.77 -29.72
CA LEU B 255 -10.67 -2.39 -28.98
C LEU B 255 -11.92 -1.50 -29.08
N GLN B 256 -11.78 -0.18 -28.89
CA GLN B 256 -12.91 0.74 -28.99
C GLN B 256 -13.62 0.67 -30.36
N GLN B 257 -12.85 0.46 -31.44
CA GLN B 257 -13.30 0.37 -32.82
C GLN B 257 -14.24 -0.82 -33.06
N GLN B 258 -14.26 -1.79 -32.12
CA GLN B 258 -15.12 -2.98 -32.22
C GLN B 258 -16.43 -2.83 -31.43
N GLU B 259 -16.65 -1.68 -30.77
CA GLU B 259 -17.87 -1.43 -29.96
C GLU B 259 -19.15 -1.34 -30.81
N CYS B 260 -19.01 -1.00 -32.14
CA CYS B 260 -20.11 -0.92 -33.09
CA CYS B 260 -20.17 -0.92 -33.02
C CYS B 260 -20.81 -2.27 -33.28
N LYS B 261 -20.10 -3.36 -32.93
CA LYS B 261 -20.57 -4.75 -33.03
C LYS B 261 -21.45 -5.14 -31.83
N LEU B 262 -21.52 -4.24 -30.82
CA LEU B 262 -22.21 -4.44 -29.53
C LEU B 262 -23.42 -3.51 -29.31
N LEU B 263 -24.03 -3.04 -30.43
CA LEU B 263 -25.21 -2.19 -30.35
C LEU B 263 -26.49 -3.01 -30.21
N TYR B 264 -26.57 -3.88 -29.17
CA TYR B 264 -27.72 -4.74 -28.88
C TYR B 264 -28.88 -3.93 -28.33
N SER B 265 -30.07 -4.56 -28.31
CA SER B 265 -31.28 -3.89 -27.86
C SER B 265 -31.35 -3.70 -26.34
N ARG B 266 -31.77 -2.46 -25.94
CA ARG B 266 -31.98 -2.03 -24.57
CA ARG B 266 -31.95 -1.98 -24.58
C ARG B 266 -33.39 -1.40 -24.48
N LYS B 267 -34.35 -2.06 -25.16
CA LYS B 267 -35.77 -1.68 -25.23
C LYS B 267 -36.50 -1.71 -23.85
N GLU B 268 -36.39 -2.81 -23.07
CA GLU B 268 -37.02 -2.94 -21.74
C GLU B 268 -36.75 -1.75 -20.82
N GLY B 269 -35.53 -1.21 -20.88
CA GLY B 269 -35.10 -0.05 -20.10
C GLY B 269 -35.50 1.29 -20.67
N GLN B 270 -36.07 1.28 -21.89
CA GLN B 270 -36.54 2.48 -22.60
C GLN B 270 -38.03 2.69 -22.31
N ARG B 271 -38.70 1.66 -21.74
CA ARG B 271 -40.13 1.68 -21.37
C ARG B 271 -40.39 2.73 -20.35
N GLN B 272 -41.50 3.50 -20.57
CA GLN B 272 -41.94 4.63 -19.75
C GLN B 272 -41.93 4.32 -18.28
N GLU B 273 -42.39 3.09 -17.93
CA GLU B 273 -42.50 2.59 -16.56
C GLU B 273 -41.14 2.36 -15.92
N ASN B 274 -40.09 2.21 -16.75
CA ASN B 274 -38.72 1.90 -16.32
C ASN B 274 -37.72 3.08 -16.40
N LYS B 275 -38.10 4.25 -16.98
CA LYS B 275 -37.20 5.41 -17.15
C LYS B 275 -36.60 5.95 -15.84
N ASN B 276 -37.44 6.19 -14.82
CA ASN B 276 -36.97 6.75 -13.54
C ASN B 276 -36.27 5.69 -12.62
N LYS B 277 -36.12 4.44 -13.14
CA LYS B 277 -35.42 3.31 -12.51
C LYS B 277 -33.97 3.30 -13.00
N ASN B 278 -33.65 4.24 -13.90
CA ASN B 278 -32.30 4.44 -14.44
C ASN B 278 -31.77 5.74 -13.88
N ARG B 279 -30.49 5.70 -13.49
CA ARG B 279 -29.73 6.81 -12.93
C ARG B 279 -29.37 7.77 -14.07
N TYR B 280 -29.09 7.20 -15.24
CA TYR B 280 -28.72 7.87 -16.48
C TYR B 280 -29.63 7.25 -17.51
N LYS B 281 -30.51 8.08 -18.11
CA LYS B 281 -31.56 7.67 -19.04
C LYS B 281 -31.06 6.86 -20.24
N ASN B 282 -29.83 7.09 -20.68
CA ASN B 282 -29.30 6.39 -21.84
C ASN B 282 -28.30 5.32 -21.49
N ILE B 283 -27.96 5.14 -20.20
CA ILE B 283 -27.07 4.06 -19.84
C ILE B 283 -27.95 2.88 -19.36
N LEU B 284 -28.27 2.00 -20.28
CA LEU B 284 -29.24 0.92 -20.06
C LEU B 284 -28.69 -0.49 -20.19
N PRO B 285 -29.38 -1.52 -19.61
CA PRO B 285 -28.90 -2.87 -19.78
C PRO B 285 -29.41 -3.53 -21.05
N PHE B 286 -28.57 -4.40 -21.67
CA PHE B 286 -28.99 -5.17 -22.81
C PHE B 286 -30.09 -6.09 -22.33
N ASP B 287 -31.15 -6.23 -23.13
CA ASP B 287 -32.34 -7.04 -22.89
C ASP B 287 -32.00 -8.51 -22.72
N HIS B 288 -31.01 -9.00 -23.51
CA HIS B 288 -30.64 -10.42 -23.54
C HIS B 288 -29.82 -10.86 -22.32
N THR B 289 -29.25 -9.91 -21.54
CA THR B 289 -28.47 -10.24 -20.33
C THR B 289 -29.01 -9.60 -19.06
N ARG B 290 -30.03 -8.75 -19.17
CA ARG B 290 -30.55 -8.03 -18.01
C ARG B 290 -31.05 -8.98 -16.92
N VAL B 291 -30.97 -8.55 -15.66
CA VAL B 291 -31.57 -9.37 -14.58
C VAL B 291 -33.11 -9.13 -14.61
N VAL B 292 -33.90 -10.20 -14.74
CA VAL B 292 -35.37 -10.15 -14.78
C VAL B 292 -35.90 -10.47 -13.37
N LEU B 293 -36.64 -9.54 -12.76
CA LEU B 293 -37.18 -9.79 -11.43
C LEU B 293 -38.55 -10.50 -11.55
N HIS B 294 -38.65 -11.74 -11.02
CA HIS B 294 -39.86 -12.58 -11.08
C HIS B 294 -40.64 -12.57 -9.78
N VAL B 302 -45.34 -2.95 -14.40
CA VAL B 302 -43.99 -3.40 -14.71
C VAL B 302 -43.16 -3.43 -13.42
N SER B 303 -42.92 -4.65 -12.88
CA SER B 303 -42.12 -4.87 -11.67
C SER B 303 -40.99 -5.89 -11.92
N ASP B 304 -40.58 -6.07 -13.19
CA ASP B 304 -39.54 -7.03 -13.58
C ASP B 304 -38.16 -6.40 -13.92
N TYR B 305 -38.08 -5.04 -13.92
CA TYR B 305 -36.89 -4.26 -14.29
C TYR B 305 -35.94 -3.80 -13.19
N ILE B 306 -34.65 -3.95 -13.52
CA ILE B 306 -33.54 -3.46 -12.71
C ILE B 306 -32.41 -3.11 -13.72
N ASN B 307 -31.76 -1.96 -13.57
CA ASN B 307 -30.61 -1.63 -14.41
C ASN B 307 -29.38 -2.51 -13.92
N ALA B 308 -29.38 -3.77 -14.35
CA ALA B 308 -28.40 -4.77 -13.98
C ALA B 308 -28.31 -5.84 -15.04
N ASN B 309 -27.11 -6.41 -15.22
CA ASN B 309 -26.88 -7.49 -16.16
C ASN B 309 -26.07 -8.60 -15.52
N ILE B 310 -26.36 -9.83 -15.95
CA ILE B 310 -25.58 -10.99 -15.55
C ILE B 310 -24.32 -10.88 -16.40
N ILE B 311 -23.16 -11.08 -15.78
CA ILE B 311 -21.85 -11.12 -16.44
C ILE B 311 -21.30 -12.53 -16.23
N MET B 312 -21.37 -13.37 -17.28
CA MET B 312 -20.90 -14.74 -17.33
C MET B 312 -19.57 -14.81 -18.12
N PRO B 313 -18.44 -15.11 -17.46
CA PRO B 313 -17.14 -15.20 -18.18
C PRO B 313 -17.07 -16.33 -19.21
N LYS B 326 -17.41 -18.59 -11.42
CA LYS B 326 -17.95 -17.37 -10.80
C LYS B 326 -18.57 -16.48 -11.86
N SER B 327 -19.78 -15.96 -11.59
CA SER B 327 -20.44 -15.02 -12.47
C SER B 327 -20.72 -13.75 -11.66
N TYR B 328 -21.07 -12.66 -12.36
CA TYR B 328 -21.27 -11.40 -11.68
C TYR B 328 -22.56 -10.81 -12.13
N ILE B 329 -23.04 -9.85 -11.34
CA ILE B 329 -24.13 -8.97 -11.68
C ILE B 329 -23.50 -7.56 -11.60
N ALA B 330 -23.48 -6.86 -12.75
CA ALA B 330 -22.94 -5.52 -12.88
C ALA B 330 -24.13 -4.57 -12.83
N THR B 331 -24.16 -3.69 -11.85
CA THR B 331 -25.35 -2.86 -11.69
C THR B 331 -24.95 -1.42 -11.39
N GLN B 332 -25.94 -0.52 -11.42
CA GLN B 332 -25.71 0.87 -11.14
C GLN B 332 -25.88 1.11 -9.61
N GLY B 333 -25.42 2.27 -9.15
CA GLY B 333 -25.62 2.72 -7.77
C GLY B 333 -27.10 2.95 -7.55
N CYS B 334 -27.64 2.40 -6.44
CA CYS B 334 -29.05 2.46 -6.04
C CYS B 334 -29.65 3.84 -6.09
N LEU B 335 -30.92 3.93 -6.49
CA LEU B 335 -31.71 5.17 -6.42
C LEU B 335 -32.69 4.92 -5.29
N GLN B 336 -33.30 5.99 -4.70
CA GLN B 336 -34.27 5.80 -3.60
C GLN B 336 -35.44 4.91 -4.01
N ASN B 337 -35.85 4.99 -5.27
CA ASN B 337 -36.96 4.20 -5.80
C ASN B 337 -36.56 2.80 -6.30
N THR B 338 -35.26 2.44 -6.24
CA THR B 338 -34.82 1.13 -6.74
C THR B 338 -34.15 0.26 -5.65
N VAL B 339 -34.09 0.77 -4.40
CA VAL B 339 -33.54 0.01 -3.26
C VAL B 339 -34.30 -1.30 -3.07
N ASN B 340 -35.67 -1.25 -3.09
CA ASN B 340 -36.46 -2.48 -2.91
C ASN B 340 -36.14 -3.51 -4.00
N ASP B 341 -35.99 -3.03 -5.25
CA ASP B 341 -35.66 -3.88 -6.41
C ASP B 341 -34.24 -4.41 -6.33
N PHE B 342 -33.30 -3.64 -5.80
CA PHE B 342 -31.94 -4.15 -5.60
C PHE B 342 -31.97 -5.39 -4.66
N TRP B 343 -32.68 -5.30 -3.54
CA TRP B 343 -32.80 -6.40 -2.57
C TRP B 343 -33.60 -7.59 -3.10
N ARG B 344 -34.62 -7.34 -3.98
CA ARG B 344 -35.33 -8.42 -4.68
C ARG B 344 -34.30 -9.16 -5.58
N MET B 345 -33.41 -8.39 -6.20
CA MET B 345 -32.39 -9.00 -7.06
C MET B 345 -31.43 -9.92 -6.30
N VAL B 346 -30.86 -9.45 -5.18
CA VAL B 346 -29.85 -10.16 -4.37
C VAL B 346 -30.44 -11.49 -3.87
N PHE B 347 -31.68 -11.42 -3.36
CA PHE B 347 -32.40 -12.58 -2.85
C PHE B 347 -32.71 -13.63 -3.94
N GLN B 348 -33.28 -13.22 -5.09
CA GLN B 348 -33.69 -14.06 -6.22
C GLN B 348 -32.48 -14.76 -6.83
N GLU B 349 -31.39 -14.01 -7.02
CA GLU B 349 -30.16 -14.53 -7.62
C GLU B 349 -29.29 -15.30 -6.63
N ASN B 350 -29.70 -15.35 -5.34
CA ASN B 350 -28.97 -16.04 -4.25
C ASN B 350 -27.55 -15.47 -4.06
N SER B 351 -27.36 -14.15 -4.35
CA SER B 351 -26.06 -13.49 -4.20
C SER B 351 -25.72 -13.34 -2.71
N ARG B 352 -24.48 -13.72 -2.37
CA ARG B 352 -24.02 -13.69 -0.99
C ARG B 352 -22.89 -12.68 -0.78
N VAL B 353 -22.50 -11.96 -1.85
CA VAL B 353 -21.40 -11.00 -1.81
C VAL B 353 -21.75 -9.80 -2.71
N ILE B 354 -21.54 -8.61 -2.16
CA ILE B 354 -21.74 -7.35 -2.85
C ILE B 354 -20.41 -6.61 -2.78
N VAL B 355 -20.06 -5.94 -3.89
CA VAL B 355 -18.85 -5.16 -4.08
C VAL B 355 -19.29 -3.77 -4.48
N MET B 356 -19.11 -2.82 -3.57
CA MET B 356 -19.45 -1.43 -3.76
C MET B 356 -18.13 -0.71 -3.98
N THR B 357 -17.97 -0.07 -5.12
CA THR B 357 -16.71 0.54 -5.54
C THR B 357 -16.77 2.06 -5.59
N THR B 358 -17.74 2.65 -4.94
CA THR B 358 -17.94 4.09 -4.92
C THR B 358 -18.32 4.49 -3.50
N LYS B 359 -17.99 5.73 -3.08
CA LYS B 359 -18.48 6.25 -1.78
C LYS B 359 -19.95 6.62 -2.08
N GLU B 360 -20.81 6.81 -1.07
CA GLU B 360 -22.20 7.21 -1.33
C GLU B 360 -22.19 8.58 -2.01
N VAL B 361 -21.21 9.45 -1.61
CA VAL B 361 -21.06 10.82 -2.13
C VAL B 361 -19.63 11.06 -2.63
N GLU B 362 -19.50 11.51 -3.88
CA GLU B 362 -18.19 11.85 -4.43
C GLU B 362 -18.24 13.21 -5.10
N ARG B 363 -17.38 14.16 -4.65
CA ARG B 363 -17.28 15.56 -5.11
C ARG B 363 -18.66 16.25 -4.98
N GLY B 364 -19.27 16.06 -3.80
CA GLY B 364 -20.59 16.60 -3.48
C GLY B 364 -21.72 16.14 -4.38
N LYS B 365 -21.51 15.03 -5.09
CA LYS B 365 -22.49 14.45 -6.00
C LYS B 365 -22.85 13.04 -5.53
N SER B 366 -24.16 12.75 -5.43
CA SER B 366 -24.71 11.46 -5.01
C SER B 366 -24.47 10.40 -6.07
N LYS B 367 -23.90 9.25 -5.66
CA LYS B 367 -23.50 8.14 -6.51
C LYS B 367 -24.30 6.85 -6.27
N CYS B 368 -24.80 6.68 -5.03
CA CYS B 368 -25.54 5.48 -4.60
C CYS B 368 -26.33 5.85 -3.35
N VAL B 369 -27.62 5.49 -3.30
CA VAL B 369 -28.43 5.75 -2.08
C VAL B 369 -27.97 4.67 -1.07
N LYS B 370 -27.93 4.98 0.25
CA LYS B 370 -27.54 4.06 1.31
C LYS B 370 -28.63 3.00 1.32
N TYR B 371 -28.29 1.74 0.95
CA TYR B 371 -29.30 0.67 0.83
C TYR B 371 -29.17 -0.39 1.91
N TRP B 372 -28.35 -0.13 2.89
CA TRP B 372 -28.12 -1.03 4.01
C TRP B 372 -28.45 -0.31 5.33
N PRO B 373 -28.84 -1.03 6.40
CA PRO B 373 -29.10 -0.36 7.67
C PRO B 373 -27.80 0.08 8.33
N ASP B 374 -27.90 0.82 9.41
CA ASP B 374 -26.78 1.16 10.27
C ASP B 374 -26.37 -0.12 11.00
N GLU B 375 -25.13 -0.20 11.49
CA GLU B 375 -24.67 -1.37 12.25
C GLU B 375 -25.60 -1.70 13.41
N TYR B 376 -26.00 -2.99 13.53
CA TYR B 376 -26.92 -3.54 14.54
C TYR B 376 -28.43 -3.22 14.26
N ALA B 377 -28.72 -2.26 13.38
CA ALA B 377 -30.11 -1.94 13.04
C ALA B 377 -30.73 -3.01 12.09
N LEU B 378 -32.06 -2.95 11.97
CA LEU B 378 -32.80 -3.86 11.11
C LEU B 378 -33.80 -3.03 10.34
N LYS B 379 -33.83 -3.20 9.01
CA LYS B 379 -34.73 -2.48 8.11
C LYS B 379 -35.49 -3.38 7.15
N GLU B 380 -36.71 -2.97 6.82
CA GLU B 380 -37.55 -3.64 5.84
C GLU B 380 -37.53 -2.86 4.55
N TYR B 381 -37.14 -3.51 3.47
CA TYR B 381 -37.08 -2.93 2.13
C TYR B 381 -38.11 -3.70 1.35
N GLY B 382 -39.35 -3.23 1.42
CA GLY B 382 -40.49 -3.91 0.83
C GLY B 382 -40.70 -5.25 1.52
N VAL B 383 -40.76 -6.31 0.74
CA VAL B 383 -40.93 -7.67 1.24
C VAL B 383 -39.60 -8.26 1.83
N MET B 384 -38.46 -7.55 1.66
CA MET B 384 -37.13 -8.00 2.11
C MET B 384 -36.75 -7.35 3.44
N ARG B 385 -36.06 -8.09 4.29
CA ARG B 385 -35.67 -7.65 5.63
C ARG B 385 -34.15 -7.79 5.79
N VAL B 386 -33.45 -6.66 5.98
CA VAL B 386 -32.00 -6.65 6.14
C VAL B 386 -31.59 -6.27 7.55
N ARG B 387 -30.84 -7.14 8.19
CA ARG B 387 -30.21 -6.94 9.48
C ARG B 387 -28.72 -6.59 9.18
N ASN B 388 -28.10 -5.58 9.84
CA ASN B 388 -26.66 -5.31 9.68
C ASN B 388 -26.03 -5.91 10.93
N VAL B 389 -25.52 -7.16 10.82
CA VAL B 389 -24.94 -7.94 11.92
C VAL B 389 -23.68 -7.27 12.52
N LYS B 390 -22.70 -6.90 11.66
CA LYS B 390 -21.42 -6.31 12.09
C LYS B 390 -20.71 -5.60 10.95
N GLU B 391 -20.08 -4.46 11.28
CA GLU B 391 -19.23 -3.73 10.36
C GLU B 391 -17.75 -3.95 10.81
N SER B 392 -16.83 -4.11 9.85
CA SER B 392 -15.40 -4.31 10.08
C SER B 392 -14.63 -3.39 9.13
N ALA B 393 -13.91 -2.41 9.70
CA ALA B 393 -13.22 -1.39 8.91
C ALA B 393 -11.73 -1.59 8.72
N ALA B 394 -11.32 -1.68 7.45
CA ALA B 394 -9.94 -1.76 7.01
C ALA B 394 -9.68 -0.37 6.41
N HIS B 395 -8.46 -0.07 5.94
CA HIS B 395 -8.16 1.24 5.32
C HIS B 395 -8.87 1.38 3.96
N ASP B 396 -8.72 0.39 3.08
CA ASP B 396 -9.30 0.43 1.73
C ASP B 396 -10.77 0.16 1.66
N TYR B 397 -11.32 -0.60 2.62
CA TYR B 397 -12.73 -0.94 2.58
C TYR B 397 -13.39 -1.11 3.95
N THR B 398 -14.70 -1.29 3.91
CA THR B 398 -15.57 -1.61 5.03
C THR B 398 -16.28 -2.91 4.64
N LEU B 399 -16.28 -3.86 5.57
CA LEU B 399 -16.99 -5.11 5.41
C LEU B 399 -18.25 -5.08 6.28
N ARG B 400 -19.43 -5.14 5.64
CA ARG B 400 -20.72 -5.20 6.33
C ARG B 400 -21.30 -6.61 6.21
N GLU B 401 -21.56 -7.22 7.36
CA GLU B 401 -22.14 -8.55 7.42
C GLU B 401 -23.64 -8.32 7.58
N LEU B 402 -24.41 -8.58 6.50
CA LEU B 402 -25.84 -8.28 6.46
C LEU B 402 -26.62 -9.56 6.41
N LYS B 403 -27.74 -9.66 7.13
CA LYS B 403 -28.58 -10.87 7.09
C LYS B 403 -29.86 -10.51 6.35
N LEU B 404 -30.08 -11.18 5.19
CA LEU B 404 -31.23 -10.96 4.31
C LEU B 404 -32.27 -12.11 4.36
N SER B 405 -33.56 -11.73 4.49
CA SER B 405 -34.68 -12.68 4.46
C SER B 405 -35.92 -12.01 3.86
N LYS B 406 -36.89 -12.83 3.47
CA LYS B 406 -38.19 -12.37 3.03
C LYS B 406 -39.04 -12.25 4.32
N VAL B 407 -39.69 -11.10 4.51
CA VAL B 407 -40.59 -10.83 5.66
C VAL B 407 -41.67 -11.95 5.75
N GLY B 408 -41.87 -12.49 6.96
CA GLY B 408 -42.85 -13.54 7.24
C GLY B 408 -42.46 -14.95 6.88
N GLN B 409 -41.14 -15.20 6.74
CA GLN B 409 -40.55 -16.47 6.32
C GLN B 409 -39.11 -16.58 6.83
N GLY B 410 -38.95 -17.05 8.08
CA GLY B 410 -37.64 -17.21 8.74
C GLY B 410 -36.65 -18.11 8.02
N ASN B 411 -37.20 -19.05 7.23
CA ASN B 411 -36.53 -20.07 6.39
C ASN B 411 -35.85 -19.51 5.12
N THR B 412 -35.92 -18.20 4.88
CA THR B 412 -35.36 -17.58 3.69
C THR B 412 -34.06 -16.83 3.97
N GLU B 413 -33.65 -16.76 5.24
CA GLU B 413 -32.47 -16.06 5.75
C GLU B 413 -31.14 -16.59 5.28
N ARG B 414 -30.26 -15.69 4.82
CA ARG B 414 -28.89 -15.95 4.37
C ARG B 414 -28.03 -14.69 4.66
N THR B 415 -26.72 -14.88 4.83
CA THR B 415 -25.81 -13.75 5.05
C THR B 415 -25.39 -13.18 3.70
N VAL B 416 -25.28 -11.88 3.61
CA VAL B 416 -24.77 -11.22 2.43
C VAL B 416 -23.60 -10.35 2.90
N TRP B 417 -22.43 -10.61 2.32
CA TRP B 417 -21.23 -9.89 2.66
C TRP B 417 -21.06 -8.68 1.74
N GLN B 418 -21.21 -7.46 2.29
CA GLN B 418 -21.02 -6.23 1.50
C GLN B 418 -19.60 -5.68 1.70
N TYR B 419 -18.82 -5.74 0.66
CA TYR B 419 -17.44 -5.28 0.59
C TYR B 419 -17.49 -3.90 -0.04
N HIS B 420 -17.41 -2.88 0.78
CA HIS B 420 -17.49 -1.49 0.35
C HIS B 420 -16.11 -0.84 0.20
N PHE B 421 -15.59 -0.76 -1.05
CA PHE B 421 -14.31 -0.13 -1.42
C PHE B 421 -14.45 1.39 -1.31
N ARG B 422 -13.59 2.02 -0.50
CA ARG B 422 -13.70 3.45 -0.23
C ARG B 422 -12.51 4.30 -0.67
N THR B 423 -11.41 3.73 -1.14
CA THR B 423 -10.25 4.54 -1.49
C THR B 423 -10.03 4.78 -3.00
N TRP B 424 -10.99 4.46 -3.87
CA TRP B 424 -10.82 4.71 -5.30
C TRP B 424 -10.79 6.23 -5.47
N PRO B 425 -9.77 6.84 -6.14
CA PRO B 425 -9.75 8.32 -6.29
C PRO B 425 -10.95 8.90 -7.02
N ASP B 426 -11.32 10.16 -6.70
CA ASP B 426 -12.45 10.85 -7.32
C ASP B 426 -12.34 10.85 -8.85
N HIS B 427 -11.15 11.22 -9.37
CA HIS B 427 -10.83 11.19 -10.79
C HIS B 427 -9.59 10.31 -11.05
N GLY B 428 -9.71 9.45 -12.05
CA GLY B 428 -8.63 8.57 -12.45
C GLY B 428 -8.73 7.18 -11.86
N VAL B 429 -7.58 6.56 -11.70
CA VAL B 429 -7.48 5.19 -11.18
C VAL B 429 -6.46 5.21 -10.04
N PRO B 430 -6.42 4.26 -9.09
CA PRO B 430 -5.39 4.33 -8.05
C PRO B 430 -4.00 4.16 -8.67
N SER B 431 -2.99 4.88 -8.13
CA SER B 431 -1.60 4.83 -8.62
C SER B 431 -0.91 3.49 -8.38
N ASP B 432 -1.44 2.70 -7.44
CA ASP B 432 -0.92 1.39 -7.07
C ASP B 432 -2.07 0.37 -7.05
N PRO B 433 -1.97 -0.81 -7.71
CA PRO B 433 -3.10 -1.76 -7.69
C PRO B 433 -3.22 -2.68 -6.46
N GLY B 434 -2.24 -2.64 -5.54
CA GLY B 434 -2.15 -3.46 -4.33
C GLY B 434 -3.41 -3.55 -3.49
N GLY B 435 -3.97 -2.39 -3.17
CA GLY B 435 -5.21 -2.25 -2.43
C GLY B 435 -6.35 -2.93 -3.15
N VAL B 436 -6.51 -2.67 -4.48
CA VAL B 436 -7.55 -3.28 -5.32
C VAL B 436 -7.41 -4.80 -5.32
N LEU B 437 -6.17 -5.31 -5.48
CA LEU B 437 -5.89 -6.74 -5.55
C LEU B 437 -6.08 -7.42 -4.23
N ASP B 438 -5.68 -6.76 -3.12
CA ASP B 438 -5.87 -7.27 -1.76
C ASP B 438 -7.37 -7.36 -1.48
N PHE B 439 -8.11 -6.33 -1.94
CA PHE B 439 -9.57 -6.25 -1.86
C PHE B 439 -10.20 -7.42 -2.62
N LEU B 440 -9.82 -7.63 -3.90
CA LEU B 440 -10.35 -8.74 -4.71
C LEU B 440 -10.02 -10.13 -4.17
N GLU B 441 -8.80 -10.30 -3.61
CA GLU B 441 -8.39 -11.57 -3.05
C GLU B 441 -9.35 -12.00 -1.96
N GLU B 442 -9.63 -11.10 -1.01
CA GLU B 442 -10.50 -11.31 0.15
C GLU B 442 -11.95 -11.60 -0.27
N VAL B 443 -12.48 -10.84 -1.26
CA VAL B 443 -13.78 -11.03 -1.92
C VAL B 443 -13.84 -12.47 -2.50
N HIS B 444 -12.77 -12.91 -3.22
CA HIS B 444 -12.70 -14.23 -3.81
C HIS B 444 -12.84 -15.39 -2.79
N HIS B 445 -12.06 -15.35 -1.70
CA HIS B 445 -12.08 -16.39 -0.70
C HIS B 445 -13.42 -16.44 0.03
N LYS B 446 -14.07 -15.27 0.27
CA LYS B 446 -15.40 -15.17 0.84
C LYS B 446 -16.39 -15.90 -0.04
N GLN B 447 -16.41 -15.57 -1.34
CA GLN B 447 -17.29 -16.18 -2.33
C GLN B 447 -17.12 -17.71 -2.39
N GLU B 448 -15.86 -18.17 -2.50
CA GLU B 448 -15.47 -19.57 -2.52
C GLU B 448 -15.84 -20.34 -1.20
N SER B 449 -15.80 -19.66 -0.07
CA SER B 449 -16.16 -20.29 1.21
C SER B 449 -17.69 -20.60 1.38
N ILE B 450 -18.55 -19.97 0.56
CA ILE B 450 -20.01 -20.14 0.64
C ILE B 450 -20.54 -21.09 -0.44
N MET B 451 -21.08 -22.22 0.02
CA MET B 451 -21.67 -23.27 -0.82
C MET B 451 -22.90 -22.73 -1.57
N ASP B 452 -22.99 -23.00 -2.89
CA ASP B 452 -24.10 -22.58 -3.78
C ASP B 452 -24.37 -21.05 -3.83
N ALA B 453 -23.34 -20.23 -3.60
CA ALA B 453 -23.47 -18.78 -3.70
C ALA B 453 -23.72 -18.38 -5.15
N GLY B 454 -24.64 -17.45 -5.33
CA GLY B 454 -25.02 -16.90 -6.63
C GLY B 454 -23.98 -15.93 -7.14
N PRO B 455 -24.31 -15.17 -8.22
CA PRO B 455 -23.34 -14.19 -8.76
C PRO B 455 -22.89 -13.18 -7.73
N VAL B 456 -21.73 -12.57 -7.99
CA VAL B 456 -21.16 -11.53 -7.15
C VAL B 456 -21.74 -10.21 -7.67
N VAL B 457 -22.42 -9.45 -6.80
CA VAL B 457 -22.96 -8.17 -7.20
C VAL B 457 -21.80 -7.19 -7.12
N VAL B 458 -21.56 -6.43 -8.20
CA VAL B 458 -20.52 -5.40 -8.32
C VAL B 458 -21.25 -4.15 -8.85
N HIS B 459 -21.15 -3.00 -8.16
CA HIS B 459 -21.74 -1.74 -8.58
C HIS B 459 -20.88 -0.52 -8.26
N CYS B 460 -21.08 0.57 -9.02
CA CYS B 460 -20.47 1.90 -8.82
C CYS B 460 -21.56 2.97 -9.00
N SER B 461 -21.44 3.90 -9.95
CA SER B 461 -22.46 4.95 -10.17
C SER B 461 -23.32 4.49 -11.35
N ALA B 462 -22.76 4.53 -12.56
CA ALA B 462 -23.42 4.03 -13.77
C ALA B 462 -23.25 2.48 -13.90
N GLY B 463 -22.35 1.91 -13.10
CA GLY B 463 -22.09 0.49 -13.11
C GLY B 463 -21.43 -0.03 -14.37
N ILE B 464 -20.57 0.77 -15.00
CA ILE B 464 -19.87 0.34 -16.24
C ILE B 464 -18.33 0.53 -16.18
N GLY B 465 -17.85 1.71 -15.73
CA GLY B 465 -16.42 2.02 -15.69
C GLY B 465 -15.70 1.26 -14.61
N ARG B 466 -15.81 1.74 -13.37
CA ARG B 466 -15.22 1.11 -12.18
C ARG B 466 -15.72 -0.34 -12.07
N THR B 467 -17.06 -0.54 -12.23
CA THR B 467 -17.68 -1.89 -12.18
C THR B 467 -17.01 -2.84 -13.21
N GLY B 468 -16.88 -2.38 -14.46
CA GLY B 468 -16.23 -3.13 -15.54
C GLY B 468 -14.77 -3.41 -15.25
N THR B 469 -14.06 -2.48 -14.64
CA THR B 469 -12.65 -2.61 -14.30
C THR B 469 -12.42 -3.67 -13.26
N PHE B 470 -13.19 -3.64 -12.15
CA PHE B 470 -13.10 -4.59 -11.05
C PHE B 470 -13.42 -5.98 -11.56
N ILE B 471 -14.52 -6.11 -12.30
CA ILE B 471 -14.90 -7.42 -12.86
C ILE B 471 -13.79 -7.98 -13.78
N VAL B 472 -13.22 -7.18 -14.71
CA VAL B 472 -12.21 -7.68 -15.64
C VAL B 472 -10.93 -8.14 -14.88
N ILE B 473 -10.42 -7.31 -13.96
CA ILE B 473 -9.27 -7.68 -13.13
C ILE B 473 -9.64 -8.96 -12.41
N ASP B 474 -10.83 -9.01 -11.79
CA ASP B 474 -11.28 -10.23 -11.11
C ASP B 474 -11.32 -11.45 -12.02
N ILE B 475 -11.83 -11.32 -13.27
CA ILE B 475 -11.85 -12.49 -14.21
C ILE B 475 -10.42 -12.99 -14.56
N LEU B 476 -9.54 -12.04 -14.84
CA LEU B 476 -8.17 -12.29 -15.27
C LEU B 476 -7.32 -12.96 -14.22
N ILE B 477 -7.40 -12.48 -12.97
CA ILE B 477 -6.69 -13.03 -11.81
C ILE B 477 -7.27 -14.39 -11.43
N ASP B 478 -8.54 -14.65 -11.81
CA ASP B 478 -9.17 -15.93 -11.57
C ASP B 478 -8.56 -17.02 -12.44
N ILE B 479 -8.23 -16.68 -13.71
CA ILE B 479 -7.56 -17.55 -14.69
C ILE B 479 -6.15 -17.92 -14.20
N ILE B 480 -5.43 -16.96 -13.58
CA ILE B 480 -4.06 -17.14 -13.09
C ILE B 480 -4.01 -17.87 -11.74
N ARG B 481 -4.97 -17.60 -10.83
CA ARG B 481 -5.03 -18.27 -9.51
C ARG B 481 -5.34 -19.77 -9.66
N GLU B 482 -6.05 -20.15 -10.75
CA GLU B 482 -6.48 -21.50 -11.09
C GLU B 482 -5.45 -22.26 -11.98
N LYS B 483 -4.74 -21.54 -12.89
CA LYS B 483 -3.81 -22.18 -13.83
C LYS B 483 -2.32 -21.80 -13.69
N GLY B 484 -1.98 -20.88 -12.80
CA GLY B 484 -0.60 -20.43 -12.60
C GLY B 484 -0.09 -19.57 -13.76
N VAL B 485 1.18 -19.13 -13.69
CA VAL B 485 1.81 -18.33 -14.76
C VAL B 485 1.84 -19.07 -16.11
N ASP B 486 1.53 -20.39 -16.13
CA ASP B 486 1.47 -21.15 -17.37
C ASP B 486 0.06 -21.16 -17.94
N CYS B 487 -0.49 -19.95 -18.19
CA CYS B 487 -1.83 -19.76 -18.74
C CYS B 487 -1.86 -18.62 -19.75
N ASP B 488 -2.72 -18.77 -20.75
CA ASP B 488 -2.93 -17.79 -21.82
C ASP B 488 -4.04 -16.82 -21.40
N ILE B 489 -3.72 -15.53 -21.41
CA ILE B 489 -4.66 -14.46 -21.12
C ILE B 489 -4.60 -13.44 -22.27
N ASP B 490 -5.76 -12.81 -22.54
CA ASP B 490 -6.01 -11.85 -23.61
C ASP B 490 -6.94 -10.75 -23.04
N VAL B 491 -6.34 -9.60 -22.64
CA VAL B 491 -7.02 -8.47 -21.97
C VAL B 491 -8.13 -7.88 -22.85
N PRO B 492 -7.88 -7.38 -24.10
CA PRO B 492 -9.00 -6.82 -24.91
C PRO B 492 -10.06 -7.87 -25.28
N LYS B 493 -9.68 -9.13 -25.48
CA LYS B 493 -10.65 -10.17 -25.80
C LYS B 493 -11.61 -10.36 -24.65
N THR B 494 -11.08 -10.32 -23.40
CA THR B 494 -11.85 -10.43 -22.14
C THR B 494 -12.78 -9.25 -22.00
N ILE B 495 -12.31 -8.03 -22.31
CA ILE B 495 -13.10 -6.82 -22.22
C ILE B 495 -14.23 -6.86 -23.24
N GLN B 496 -13.91 -7.25 -24.49
CA GLN B 496 -14.90 -7.38 -25.56
C GLN B 496 -15.99 -8.34 -25.17
N MET B 497 -15.62 -9.49 -24.59
CA MET B 497 -16.59 -10.50 -24.16
C MET B 497 -17.51 -9.91 -23.03
N VAL B 498 -16.94 -9.07 -22.14
CA VAL B 498 -17.66 -8.50 -20.99
C VAL B 498 -18.63 -7.38 -21.44
N ARG B 499 -18.19 -6.57 -22.43
CA ARG B 499 -18.91 -5.49 -23.07
C ARG B 499 -20.11 -6.02 -23.89
N SER B 500 -20.08 -7.29 -24.31
CA SER B 500 -21.20 -7.91 -25.04
C SER B 500 -22.30 -8.29 -24.04
N GLN B 501 -22.04 -8.15 -22.72
CA GLN B 501 -23.00 -8.50 -21.68
C GLN B 501 -23.54 -7.29 -20.90
N ARG B 502 -22.80 -6.16 -20.94
CA ARG B 502 -23.22 -4.87 -20.41
C ARG B 502 -22.49 -3.81 -21.21
N SER B 503 -23.18 -2.73 -21.57
CA SER B 503 -22.60 -1.67 -22.40
C SER B 503 -21.44 -0.94 -21.74
N GLY B 504 -20.40 -0.66 -22.55
CA GLY B 504 -19.23 0.12 -22.16
C GLY B 504 -18.47 -0.32 -20.93
N MET B 505 -18.47 -1.62 -20.60
CA MET B 505 -17.71 -2.14 -19.48
C MET B 505 -16.23 -1.87 -19.73
N VAL B 506 -15.62 -1.10 -18.81
CA VAL B 506 -14.25 -0.58 -18.86
C VAL B 506 -14.38 0.68 -19.73
N GLN B 507 -14.37 1.85 -19.10
CA GLN B 507 -14.61 3.12 -19.77
C GLN B 507 -13.41 3.85 -20.42
N THR B 508 -12.25 3.87 -19.74
CA THR B 508 -11.14 4.71 -20.13
C THR B 508 -9.84 3.97 -20.40
N GLU B 509 -8.88 4.69 -21.00
CA GLU B 509 -7.57 4.19 -21.36
C GLU B 509 -6.76 4.06 -20.08
N ALA B 510 -7.13 4.88 -19.08
CA ALA B 510 -6.55 4.88 -17.73
C ALA B 510 -6.91 3.56 -17.04
N GLN B 511 -8.20 3.15 -17.10
CA GLN B 511 -8.68 1.87 -16.54
C GLN B 511 -8.07 0.69 -17.27
N TYR B 512 -7.93 0.78 -18.59
CA TYR B 512 -7.33 -0.28 -19.43
C TYR B 512 -5.88 -0.62 -18.98
N ARG B 513 -5.06 0.42 -18.75
CA ARG B 513 -3.67 0.35 -18.27
C ARG B 513 -3.67 -0.21 -16.85
N PHE B 514 -4.64 0.26 -16.01
CA PHE B 514 -4.82 -0.21 -14.64
C PHE B 514 -5.06 -1.72 -14.56
N ILE B 515 -5.82 -2.29 -15.51
CA ILE B 515 -6.12 -3.74 -15.64
C ILE B 515 -4.79 -4.45 -15.93
N TYR B 516 -3.99 -3.92 -16.89
CA TYR B 516 -2.69 -4.53 -17.20
C TYR B 516 -1.79 -4.49 -15.97
N MET B 517 -1.69 -3.29 -15.29
CA MET B 517 -0.90 -3.06 -14.06
CA MET B 517 -0.89 -3.08 -14.07
C MET B 517 -1.32 -3.99 -12.92
N ALA B 518 -2.65 -4.23 -12.76
CA ALA B 518 -3.17 -5.11 -11.71
C ALA B 518 -2.74 -6.55 -11.93
N VAL B 519 -2.89 -7.04 -13.16
CA VAL B 519 -2.53 -8.37 -13.63
C VAL B 519 -0.99 -8.60 -13.46
N GLN B 520 -0.17 -7.61 -13.89
CA GLN B 520 1.29 -7.64 -13.80
C GLN B 520 1.73 -7.82 -12.33
N HIS B 521 1.26 -6.92 -11.45
CA HIS B 521 1.51 -6.88 -10.02
C HIS B 521 1.13 -8.22 -9.35
N TYR B 522 0.00 -8.81 -9.78
CA TYR B 522 -0.50 -10.08 -9.23
C TYR B 522 0.42 -11.26 -9.56
N ILE B 523 0.91 -11.30 -10.83
CA ILE B 523 1.83 -12.30 -11.34
C ILE B 523 3.18 -12.14 -10.64
N GLU B 524 3.59 -10.89 -10.32
CA GLU B 524 4.84 -10.58 -9.60
C GLU B 524 4.82 -11.13 -8.16
N THR B 525 3.78 -10.80 -7.36
CA THR B 525 3.57 -11.22 -5.97
C THR B 525 3.25 -12.75 -5.81
N LEU B 526 3.27 -13.52 -6.93
CA LEU B 526 3.02 -14.98 -6.94
C LEU B 526 4.22 -15.81 -6.47
C1 JEJ C . 25.00 2.02 28.77
C2 JEJ C . 23.96 2.76 29.42
C3 JEJ C . 22.87 2.09 30.00
O1 JEJ C . 22.84 -3.57 28.71
O2 JEJ C . 26.12 -1.25 30.94
C11 JEJ C . 24.46 -2.52 29.83
C12 JEJ C . 27.47 -3.56 31.89
C13 JEJ C . 26.14 -6.19 31.19
C14 JEJ C . 26.81 -7.08 30.33
C15 JEJ C . 27.20 -8.35 30.82
C16 JEJ C . 26.92 -8.72 32.17
C17 JEJ C . 26.20 -7.83 33.02
C18 JEJ C . 25.81 -6.58 32.52
C19 JEJ C . 27.31 -10.10 32.69
C20 JEJ C . 26.49 -11.79 31.17
C21 JEJ C . 26.32 -12.15 33.48
C22 JEJ C . 24.89 0.62 28.73
C10 JEJ C . 25.69 -2.39 30.68
C4 JEJ C . 22.74 0.68 29.91
C5 JEJ C . 23.76 -0.07 29.28
C6 JEJ C . 23.65 -1.53 29.25
C7 JEJ C . 23.93 -3.71 29.49
C8 JEJ C . 24.52 -4.91 29.95
C9 JEJ C . 25.65 -4.88 30.71
N1 JEJ C . 22.67 -2.16 28.59
N2 JEJ C . 26.22 -3.60 31.10
N3 JEJ C . 26.29 -11.12 32.46
CL1 JEJ C . 26.15 -0.25 27.96
P PO4 D . 21.91 2.40 37.93
O1 PO4 D . 23.04 1.45 37.29
O2 PO4 D . 20.55 2.17 37.18
O3 PO4 D . 22.40 3.91 37.77
O4 PO4 D . 21.72 2.07 39.48
C1 JEJ E . -10.87 -9.13 -29.76
C2 JEJ E . -12.06 -8.52 -30.24
C3 JEJ E . -12.05 -7.16 -30.64
O1 JEJ E . -7.12 -4.45 -29.45
O2 JEJ E . -7.53 -8.19 -32.12
C11 JEJ E . -7.26 -6.24 -30.79
C12 JEJ E . -5.00 -7.94 -33.32
C13 JEJ E . -3.41 -5.48 -32.46
C14 JEJ E . -3.36 -5.00 -33.80
C15 JEJ E . -2.11 -4.67 -34.37
C16 JEJ E . -0.92 -4.76 -33.59
C17 JEJ E . -0.99 -5.25 -32.25
C18 JEJ E . -2.24 -5.59 -31.67
C19 JEJ E . 0.44 -4.40 -34.16
C20 JEJ E . 0.16 -1.96 -33.99
C21 JEJ E . 2.03 -2.86 -35.08
C22 JEJ E . -9.68 -8.36 -29.66
C10 JEJ E . -6.79 -7.23 -31.82
C4 JEJ E . -10.86 -6.40 -30.57
C5 JEJ E . -9.66 -6.98 -30.08
C6 JEJ E . -8.46 -6.15 -30.05
C7 JEJ E . -6.49 -5.21 -30.37
C8 JEJ E . -5.20 -4.98 -30.95
C9 JEJ E . -4.72 -5.84 -31.89
N1 JEJ E . -8.39 -5.06 -29.29
N2 JEJ E . -5.53 -6.98 -32.34
N3 JEJ E . 0.61 -3.09 -34.81
CL1 JEJ E . -8.27 -9.15 -29.08
P PO4 F . -9.30 19.87 -29.36
O1 PO4 F . -8.59 18.66 -30.13
O2 PO4 F . -8.53 21.21 -29.78
O3 PO4 F . -9.23 19.69 -27.84
O4 PO4 F . -10.85 19.95 -29.75
P PO4 G . -13.09 -7.44 -37.58
O1 PO4 G . -11.65 -6.87 -37.56
O2 PO4 G . -14.05 -6.47 -38.43
O3 PO4 G . -13.10 -8.91 -38.21
O4 PO4 G . -13.63 -7.60 -36.09
#